data_2NLX
#
_entry.id   2NLX
#
_cell.length_a   67.780
_cell.length_b   112.020
_cell.length_c   138.800
_cell.angle_alpha   90.00
_cell.angle_beta   90.00
_cell.angle_gamma   90.00
#
_symmetry.space_group_name_H-M   'P 21 21 21'
#
loop_
_entity.id
_entity.type
_entity.pdbx_description
1 polymer 'Xylulose kinase'
2 water water
#
_entity_poly.entity_id   1
_entity_poly.type   'polypeptide(L)'
_entity_poly.pdbx_seq_one_letter_code
;MYIGIDLGTSGVKVILLNEQGEVVAAQTEKLTVSRPHPLWSEQDPEQWWQATDRAMKALGDQHSLQDVKALGIAGQMHGA
TLLDAQQRVLRPAILWNDGRCAQECTLLEARVPQSRVITGNLMMPGFTAPKLLWVQRHEPEIFRQIDKVLLPKDYLRLRM
TGEFASDMSDAAGTMWLDVAKRDWSDVMLQACDLSRDQMPALYEGSEITGALLPEVAKAWGMATVPVVAGGGDNAAGAVG
VGMVDANQAMLSLGTSGVYFAVSEGFLSKPESAVHSFCHALPQRWHLMSVMLSAASCLDWAAKLTGLSNVPALIAAAQQA
DESAEPVWFLPYLSGERTPHNNPQAKGVFFGLTHQHGPNELARAVLEGVGYALADGMDVVHACGIKPQSVTLIGGGARSE
YWRQMLADISGQQLDYRTGGDVGPALGAARLAQIAANPEKSLIELLPQLPLEQSHLPDAQRYAAYQPRRETFRRLYQQLL
PLMA
;
_entity_poly.pdbx_strand_id   A,B
#
# COMPACT_ATOMS: atom_id res chain seq x y z
N MET A 1 23.12 47.17 -12.40
CA MET A 1 23.06 45.79 -11.96
C MET A 1 22.45 45.68 -10.59
N TYR A 2 21.92 44.51 -10.26
CA TYR A 2 21.14 44.37 -9.07
C TYR A 2 21.52 43.12 -8.35
N ILE A 3 21.42 43.14 -7.03
CA ILE A 3 21.57 41.93 -6.25
C ILE A 3 20.25 41.53 -5.63
N GLY A 4 19.96 40.23 -5.69
CA GLY A 4 19.02 39.61 -4.80
C GLY A 4 19.56 38.52 -3.90
N ILE A 5 19.12 38.53 -2.65
CA ILE A 5 19.42 37.49 -1.70
C ILE A 5 18.16 36.72 -1.29
N ASP A 6 18.28 35.40 -1.23
CA ASP A 6 17.28 34.53 -0.63
C ASP A 6 17.89 33.79 0.57
N LEU A 7 17.55 34.24 1.77
CA LEU A 7 17.64 33.40 2.96
C LEU A 7 16.58 32.31 2.98
N GLY A 8 16.94 31.15 2.45
CA GLY A 8 16.15 29.96 2.61
C GLY A 8 16.26 29.31 3.96
N THR A 9 15.83 28.06 4.04
CA THR A 9 15.97 27.30 5.26
C THR A 9 17.20 26.42 5.23
N SER A 10 17.70 26.15 4.03
CA SER A 10 18.71 25.16 3.84
C SER A 10 19.87 25.80 3.12
N GLY A 11 19.54 26.75 2.27
CA GLY A 11 20.54 27.50 1.55
C GLY A 11 20.38 28.99 1.73
N VAL A 12 21.36 29.74 1.28
CA VAL A 12 21.13 31.10 0.83
C VAL A 12 21.63 31.27 -0.58
N LYS A 13 20.88 32.01 -1.39
CA LYS A 13 21.20 32.16 -2.78
C LYS A 13 21.25 33.62 -3.14
N VAL A 14 22.34 34.03 -3.77
CA VAL A 14 22.55 35.39 -4.18
C VAL A 14 22.68 35.45 -5.69
N ILE A 15 21.93 36.34 -6.33
CA ILE A 15 22.03 36.48 -7.76
C ILE A 15 22.42 37.89 -8.19
N LEU A 16 23.05 37.97 -9.35
CA LEU A 16 23.42 39.23 -9.96
C LEU A 16 22.55 39.43 -11.20
N LEU A 17 21.81 40.55 -11.23
CA LEU A 17 20.94 40.87 -12.37
C LEU A 17 21.48 42.04 -13.16
N ASN A 18 21.38 41.97 -14.49
CA ASN A 18 21.85 43.06 -15.34
C ASN A 18 20.74 44.07 -15.52
N GLU A 19 21.11 45.28 -15.90
CA GLU A 19 20.15 46.35 -16.09
C GLU A 19 18.90 45.89 -16.81
N GLN A 20 19.04 44.81 -17.58
CA GLN A 20 17.89 44.28 -18.31
C GLN A 20 16.96 43.54 -17.37
N GLY A 21 17.55 42.84 -16.39
CA GLY A 21 16.75 42.08 -15.44
C GLY A 21 17.01 40.59 -15.63
N GLU A 22 18.08 40.28 -16.36
CA GLU A 22 18.46 38.90 -16.64
C GLU A 22 19.54 38.47 -15.65
N VAL A 23 19.62 37.18 -15.38
CA VAL A 23 20.62 36.68 -14.43
C VAL A 23 22.00 36.59 -15.07
N VAL A 24 22.98 37.14 -14.39
CA VAL A 24 24.34 37.16 -14.84
C VAL A 24 25.20 36.22 -14.05
N ALA A 25 24.88 36.05 -12.78
CA ALA A 25 25.62 35.17 -11.94
C ALA A 25 24.79 34.71 -10.78
N ALA A 26 25.25 33.71 -10.05
CA ALA A 26 24.52 33.21 -8.90
C ALA A 26 25.38 32.34 -8.05
N GLN A 27 25.12 32.32 -6.76
CA GLN A 27 25.89 31.55 -5.82
C GLN A 27 25.11 31.05 -4.62
N THR A 28 25.44 29.88 -4.12
CA THR A 28 24.74 29.31 -2.99
C THR A 28 25.67 28.86 -1.89
N GLU A 29 25.20 28.83 -0.66
CA GLU A 29 25.97 28.36 0.48
C GLU A 29 24.97 27.68 1.38
N LYS A 30 25.30 26.49 1.86
CA LYS A 30 24.37 25.72 2.69
C LYS A 30 24.30 26.05 4.17
N LEU A 31 23.16 25.75 4.77
CA LEU A 31 22.93 25.94 6.20
C LEU A 31 22.35 24.62 6.66
N THR A 32 22.32 24.40 7.97
CA THR A 32 21.75 23.16 8.48
C THR A 32 20.77 23.60 9.57
N VAL A 33 19.96 22.69 10.05
CA VAL A 33 19.03 23.02 11.09
C VAL A 33 19.38 22.28 12.36
N SER A 34 19.05 22.89 13.50
CA SER A 34 19.07 22.20 14.75
C SER A 34 17.69 21.70 15.12
N ARG A 35 17.64 20.54 15.74
CA ARG A 35 16.41 19.79 15.87
C ARG A 35 16.34 19.10 17.21
N PRO A 36 16.42 19.89 18.26
CA PRO A 36 17.01 19.45 19.51
C PRO A 36 16.07 18.55 20.28
N HIS A 37 15.00 19.13 20.81
CA HIS A 37 13.86 18.35 21.21
C HIS A 37 12.92 18.19 20.04
N PRO A 38 11.91 17.34 20.20
CA PRO A 38 11.04 17.01 19.08
C PRO A 38 9.99 18.07 18.93
N LEU A 39 9.74 18.48 17.69
CA LEU A 39 8.93 19.67 17.42
C LEU A 39 9.77 20.96 17.43
N TRP A 40 11.05 20.83 17.73
CA TRP A 40 11.95 21.96 17.78
C TRP A 40 12.77 22.07 16.49
N SER A 41 12.64 23.22 15.83
CA SER A 41 13.39 23.48 14.59
C SER A 41 14.12 24.81 14.83
N GLU A 42 15.40 24.73 15.17
CA GLU A 42 16.17 25.94 15.46
C GLU A 42 17.33 26.20 14.51
N GLN A 43 17.73 27.47 14.46
CA GLN A 43 18.84 27.90 13.62
C GLN A 43 19.60 29.05 14.25
N ASP A 44 20.87 29.14 13.87
CA ASP A 44 21.80 30.14 14.38
C ASP A 44 21.74 31.40 13.52
N PRO A 45 21.26 32.53 14.07
CA PRO A 45 21.21 33.74 13.24
C PRO A 45 22.60 34.05 12.67
N GLU A 46 23.64 33.58 13.35
CA GLU A 46 25.03 33.78 12.94
C GLU A 46 25.40 32.91 11.75
N GLN A 47 24.81 31.72 11.67
CA GLN A 47 25.08 30.81 10.56
C GLN A 47 24.51 31.45 9.29
N TRP A 48 23.46 32.24 9.45
CA TRP A 48 22.85 32.92 8.30
C TRP A 48 23.84 33.93 7.74
N TRP A 49 24.37 34.76 8.62
CA TRP A 49 25.32 35.78 8.21
C TRP A 49 26.56 35.20 7.57
N GLN A 50 27.19 34.23 8.21
CA GLN A 50 28.40 33.63 7.64
C GLN A 50 28.06 33.11 6.25
N ALA A 51 26.96 32.35 6.14
CA ALA A 51 26.52 31.80 4.86
C ALA A 51 26.28 32.89 3.80
N THR A 52 25.57 33.95 4.19
CA THR A 52 25.29 35.07 3.29
C THR A 52 26.61 35.70 2.84
N ASP A 53 27.46 36.02 3.81
CA ASP A 53 28.75 36.63 3.53
C ASP A 53 29.58 35.79 2.55
N ARG A 54 29.78 34.52 2.89
CA ARG A 54 30.55 33.64 2.02
C ARG A 54 30.06 33.68 0.58
N ALA A 55 28.74 33.67 0.41
CA ALA A 55 28.15 33.67 -0.92
C ALA A 55 28.43 34.97 -1.66
N MET A 56 28.21 36.10 -1.01
CA MET A 56 28.46 37.39 -1.65
C MET A 56 29.89 37.49 -2.16
N LYS A 57 30.84 36.98 -1.39
CA LYS A 57 32.25 37.00 -1.81
C LYS A 57 32.39 36.05 -2.98
N ALA A 58 31.75 34.88 -2.87
CA ALA A 58 31.79 33.89 -3.93
C ALA A 58 31.14 34.45 -5.20
N LEU A 59 30.08 35.24 -5.04
CA LEU A 59 29.41 35.85 -6.19
C LEU A 59 30.38 36.85 -6.80
N GLY A 60 31.03 37.60 -5.91
CA GLY A 60 31.99 38.59 -6.35
C GLY A 60 33.15 37.98 -7.08
N ASP A 61 33.68 36.86 -6.58
CA ASP A 61 34.78 36.20 -7.28
C ASP A 61 34.35 35.86 -8.71
N GLN A 62 33.05 35.64 -8.91
CA GLN A 62 32.54 35.32 -10.23
C GLN A 62 32.49 36.58 -11.11
N HIS A 63 31.67 37.55 -10.72
CA HIS A 63 31.53 38.79 -11.48
C HIS A 63 31.83 39.98 -10.57
N SER A 64 31.95 41.15 -11.17
CA SER A 64 32.22 42.36 -10.41
C SER A 64 30.90 42.96 -9.90
N LEU A 65 30.84 43.26 -8.61
CA LEU A 65 29.63 43.84 -8.03
C LEU A 65 29.77 45.34 -7.90
N GLN A 66 30.72 45.90 -8.63
CA GLN A 66 30.98 47.33 -8.60
C GLN A 66 29.85 48.14 -9.22
N ASP A 67 29.18 47.59 -10.22
CA ASP A 67 28.09 48.29 -10.89
C ASP A 67 26.72 48.08 -10.26
N VAL A 68 26.66 47.25 -9.21
CA VAL A 68 25.38 47.03 -8.56
C VAL A 68 24.92 48.35 -7.97
N LYS A 69 23.71 48.77 -8.33
CA LYS A 69 23.12 50.01 -7.86
C LYS A 69 22.23 49.82 -6.63
N ALA A 70 21.50 48.70 -6.57
CA ALA A 70 20.61 48.43 -5.43
C ALA A 70 20.57 46.95 -5.01
N LEU A 71 20.24 46.69 -3.75
CA LEU A 71 20.18 45.31 -3.28
C LEU A 71 18.87 44.96 -2.56
N GLY A 72 18.27 43.85 -2.97
CA GLY A 72 17.04 43.39 -2.35
C GLY A 72 17.25 42.08 -1.61
N ILE A 73 16.36 41.78 -0.65
CA ILE A 73 16.45 40.55 0.12
C ILE A 73 15.10 39.89 0.41
N ALA A 74 15.11 38.56 0.45
CA ALA A 74 13.94 37.74 0.72
C ALA A 74 14.41 36.59 1.60
N GLY A 75 13.49 36.02 2.37
CA GLY A 75 13.84 34.97 3.27
C GLY A 75 12.68 34.14 3.75
N GLN A 76 13.00 32.96 4.26
CA GLN A 76 12.10 32.19 5.09
C GLN A 76 11.28 33.00 6.05
N MET A 77 10.00 32.67 6.11
CA MET A 77 9.05 33.44 6.89
C MET A 77 9.00 33.03 8.36
N HIS A 78 8.34 33.86 9.16
CA HIS A 78 7.87 33.52 10.50
C HIS A 78 8.88 33.18 11.56
N GLY A 79 10.13 33.05 11.17
CA GLY A 79 11.17 32.68 12.10
C GLY A 79 11.32 33.82 13.07
N ALA A 80 11.77 33.52 14.27
CA ALA A 80 11.64 34.44 15.38
C ALA A 80 13.00 34.65 16.00
N THR A 81 13.52 35.86 15.86
CA THR A 81 14.89 36.13 16.21
C THR A 81 14.93 37.16 17.31
N LEU A 82 15.44 36.75 18.45
CA LEU A 82 15.31 37.52 19.67
C LEU A 82 16.61 38.23 19.98
N LEU A 83 16.54 39.55 20.09
CA LEU A 83 17.73 40.38 20.34
C LEU A 83 17.57 41.31 21.53
N ASP A 84 18.66 41.47 22.29
CA ASP A 84 18.69 42.36 23.46
C ASP A 84 19.16 43.74 23.01
N ALA A 85 19.18 44.70 23.93
CA ALA A 85 19.58 46.06 23.59
C ALA A 85 20.97 46.22 22.96
N GLN A 86 21.87 45.26 23.19
CA GLN A 86 23.21 45.33 22.60
C GLN A 86 23.17 44.66 21.23
N GLN A 87 21.96 44.36 20.76
CA GLN A 87 21.76 43.71 19.46
C GLN A 87 22.29 42.27 19.47
N ARG A 88 22.25 41.65 20.64
CA ARG A 88 22.72 40.27 20.77
C ARG A 88 21.61 39.21 20.72
N VAL A 89 21.95 38.05 20.17
CA VAL A 89 21.01 36.94 20.05
C VAL A 89 20.78 36.25 21.39
N LEU A 90 19.56 36.34 21.92
CA LEU A 90 19.24 35.72 23.20
C LEU A 90 19.11 34.20 23.11
N ARG A 91 18.76 33.68 21.94
CA ARG A 91 18.58 32.24 21.74
C ARG A 91 18.45 31.93 20.26
N PRO A 92 18.67 30.66 19.87
CA PRO A 92 18.56 30.28 18.46
C PRO A 92 17.21 30.76 17.91
N ALA A 93 17.10 30.82 16.58
CA ALA A 93 15.84 31.26 15.99
C ALA A 93 14.86 30.12 15.85
N ILE A 94 13.64 30.31 16.35
CA ILE A 94 12.59 29.29 16.23
C ILE A 94 12.08 29.43 14.79
N LEU A 95 12.47 28.50 13.92
CA LEU A 95 12.05 28.55 12.52
C LEU A 95 10.55 28.40 12.27
N TRP A 96 10.16 28.43 11.00
CA TRP A 96 8.75 28.32 10.60
C TRP A 96 8.15 26.95 10.87
N ASN A 97 9.01 25.94 10.86
CA ASN A 97 8.59 24.57 11.06
C ASN A 97 8.86 24.03 12.45
N ASP A 98 8.80 24.90 13.45
CA ASP A 98 8.98 24.51 14.84
C ASP A 98 7.54 24.36 15.32
N GLY A 99 7.29 23.49 16.31
CA GLY A 99 5.93 23.32 16.78
C GLY A 99 5.73 23.30 18.29
N ARG A 100 6.72 23.79 19.02
CA ARG A 100 6.65 23.79 20.47
C ARG A 100 5.55 24.66 21.05
N CYS A 101 4.92 25.49 20.25
CA CYS A 101 3.92 26.34 20.80
C CYS A 101 2.47 26.13 20.44
N ALA A 102 2.02 24.91 20.30
CA ALA A 102 0.65 24.68 19.93
C ALA A 102 -0.36 25.16 20.92
N GLN A 103 0.05 25.20 22.16
CA GLN A 103 -0.82 25.64 23.22
C GLN A 103 -1.06 27.12 23.15
N GLU A 104 0.02 27.83 23.03
CA GLU A 104 0.07 29.24 22.99
C GLU A 104 -0.71 29.85 21.88
N CYS A 105 -1.02 29.02 20.91
CA CYS A 105 -1.81 29.42 19.77
C CYS A 105 -3.22 29.66 20.19
N THR A 106 -3.77 28.66 20.82
CA THR A 106 -5.10 28.67 21.29
C THR A 106 -5.31 29.71 22.31
N LEU A 107 -4.30 29.94 23.11
CA LEU A 107 -4.40 30.89 24.16
C LEU A 107 -4.48 32.31 23.65
N LEU A 108 -3.87 32.53 22.51
CA LEU A 108 -3.82 33.82 21.90
C LEU A 108 -5.11 34.15 21.27
N GLU A 109 -5.70 33.14 20.66
CA GLU A 109 -6.92 33.29 19.96
C GLU A 109 -8.03 33.38 20.93
N ALA A 110 -7.73 33.08 22.17
CA ALA A 110 -8.72 33.12 23.19
C ALA A 110 -8.65 34.42 23.87
N ARG A 111 -7.50 35.04 23.79
CA ARG A 111 -7.23 36.32 24.38
C ARG A 111 -7.57 37.37 23.38
N VAL A 112 -7.53 37.00 22.13
CA VAL A 112 -7.88 37.92 21.08
C VAL A 112 -8.76 37.17 20.14
N PRO A 113 -10.04 37.38 20.24
CA PRO A 113 -11.02 36.72 19.39
C PRO A 113 -11.08 37.20 17.94
N GLN A 114 -10.99 38.50 17.77
CA GLN A 114 -11.02 39.08 16.45
C GLN A 114 -9.75 38.78 15.71
N SER A 115 -8.87 38.08 16.38
CA SER A 115 -7.58 37.69 15.88
C SER A 115 -7.51 37.20 14.46
N ARG A 116 -8.39 36.31 14.08
CA ARG A 116 -8.39 35.80 12.75
C ARG A 116 -8.83 36.87 11.82
N VAL A 117 -9.52 37.85 12.38
CA VAL A 117 -10.01 38.97 11.62
C VAL A 117 -8.91 39.97 11.38
N ILE A 118 -8.16 40.27 12.41
CA ILE A 118 -7.08 41.21 12.32
C ILE A 118 -5.97 40.73 11.43
N THR A 119 -5.55 39.50 11.63
CA THR A 119 -4.47 38.90 10.89
C THR A 119 -4.91 38.20 9.68
N GLY A 120 -6.19 37.87 9.65
CA GLY A 120 -6.86 37.16 8.60
C GLY A 120 -6.43 35.73 8.41
N ASN A 121 -5.89 35.17 9.45
CA ASN A 121 -5.37 33.80 9.44
C ASN A 121 -5.72 32.96 10.66
N LEU A 122 -5.45 31.67 10.53
CA LEU A 122 -5.69 30.69 11.57
C LEU A 122 -4.35 30.56 12.28
N MET A 123 -4.35 30.73 13.60
CA MET A 123 -3.11 30.64 14.36
C MET A 123 -2.42 29.29 14.25
N MET A 124 -1.18 29.32 13.77
CA MET A 124 -0.35 28.12 13.62
C MET A 124 0.98 28.35 14.33
N PRO A 125 1.52 27.32 15.01
CA PRO A 125 2.78 27.39 15.74
C PRO A 125 3.99 27.88 14.94
N GLY A 126 3.87 27.86 13.62
CA GLY A 126 4.97 28.31 12.78
C GLY A 126 5.02 29.83 12.75
N PHE A 127 3.89 30.46 13.08
CA PHE A 127 3.78 31.92 13.09
C PHE A 127 4.60 32.49 14.25
N THR A 128 5.02 33.74 14.11
CA THR A 128 5.86 34.40 15.10
C THR A 128 5.28 34.69 16.48
N ALA A 129 4.11 35.31 16.51
CA ALA A 129 3.44 35.67 17.76
C ALA A 129 3.33 34.57 18.82
N PRO A 130 2.88 33.38 18.43
CA PRO A 130 2.78 32.32 19.44
C PRO A 130 4.12 31.86 20.02
N LYS A 131 5.18 31.97 19.24
CA LYS A 131 6.51 31.58 19.71
C LYS A 131 6.98 32.48 20.83
N LEU A 132 6.74 33.77 20.68
CA LEU A 132 7.15 34.68 21.73
C LEU A 132 6.33 34.47 22.99
N LEU A 133 5.05 34.18 22.82
CA LEU A 133 4.19 33.91 23.96
C LEU A 133 4.74 32.65 24.64
N TRP A 134 5.42 31.81 23.86
CA TRP A 134 6.01 30.59 24.39
C TRP A 134 7.21 30.94 25.26
N VAL A 135 8.13 31.73 24.69
CA VAL A 135 9.33 32.15 25.41
C VAL A 135 8.96 32.82 26.72
N GLN A 136 7.92 33.62 26.70
CA GLN A 136 7.47 34.28 27.92
C GLN A 136 7.09 33.26 29.00
N ARG A 137 6.49 32.15 28.57
CA ARG A 137 6.07 31.10 29.48
C ARG A 137 7.20 30.21 30.00
N HIS A 138 7.96 29.62 29.08
CA HIS A 138 9.04 28.72 29.46
C HIS A 138 10.40 29.35 29.74
N GLU A 139 10.76 30.38 29.00
CA GLU A 139 12.05 31.03 29.18
C GLU A 139 11.84 32.51 29.53
N PRO A 140 11.11 32.78 30.63
CA PRO A 140 10.80 34.13 31.10
C PRO A 140 12.03 35.02 31.33
N GLU A 141 13.17 34.39 31.62
CA GLU A 141 14.38 35.16 31.84
C GLU A 141 14.86 35.75 30.52
N ILE A 142 14.79 34.96 29.44
CA ILE A 142 15.19 35.40 28.11
C ILE A 142 14.22 36.46 27.60
N PHE A 143 12.96 36.37 28.03
CA PHE A 143 11.89 37.29 27.63
C PHE A 143 12.05 38.69 28.24
N ARG A 144 12.55 38.72 29.47
CA ARG A 144 12.75 39.96 30.20
C ARG A 144 13.70 40.88 29.44
N GLN A 145 14.56 40.26 28.63
CA GLN A 145 15.58 40.97 27.85
C GLN A 145 15.23 41.40 26.44
N ILE A 146 14.19 40.84 25.84
CA ILE A 146 13.84 41.19 24.47
C ILE A 146 13.69 42.67 24.19
N ASP A 147 14.55 43.15 23.30
CA ASP A 147 14.57 44.55 22.89
C ASP A 147 13.99 44.66 21.49
N LYS A 148 14.22 43.63 20.69
CA LYS A 148 13.73 43.59 19.32
C LYS A 148 13.46 42.15 18.91
N VAL A 149 12.50 41.95 18.01
CA VAL A 149 12.18 40.62 17.49
C VAL A 149 12.22 40.74 15.98
N LEU A 150 13.13 40.00 15.35
CA LEU A 150 13.27 40.09 13.91
C LEU A 150 13.06 38.81 13.11
N LEU A 151 12.54 38.97 11.89
CA LEU A 151 12.35 37.83 11.00
C LEU A 151 13.74 37.56 10.40
N PRO A 152 14.01 36.32 10.00
CA PRO A 152 15.29 35.92 9.43
C PRO A 152 15.98 36.91 8.50
N LYS A 153 15.31 37.31 7.43
CA LYS A 153 15.93 38.24 6.49
C LYS A 153 16.14 39.62 7.09
N ASP A 154 15.28 40.00 8.02
CA ASP A 154 15.44 41.30 8.64
C ASP A 154 16.63 41.32 9.60
N TYR A 155 16.97 40.18 10.18
CA TYR A 155 18.13 40.13 11.06
C TYR A 155 19.31 40.31 10.11
N LEU A 156 19.21 39.68 8.95
CA LEU A 156 20.23 39.77 7.94
C LEU A 156 20.41 41.24 7.55
N ARG A 157 19.29 41.96 7.46
CA ARG A 157 19.33 43.37 7.10
C ARG A 157 20.07 44.21 8.14
N LEU A 158 19.76 43.99 9.42
CA LEU A 158 20.40 44.72 10.51
C LEU A 158 21.92 44.59 10.42
N ARG A 159 22.39 43.40 10.08
CA ARG A 159 23.82 43.16 9.98
C ARG A 159 24.42 43.85 8.75
N MET A 160 23.59 44.10 7.75
CA MET A 160 24.06 44.73 6.54
C MET A 160 23.93 46.26 6.56
N THR A 161 22.99 46.76 7.35
CA THR A 161 22.74 48.20 7.33
C THR A 161 22.61 48.91 8.68
N GLY A 162 22.54 48.13 9.75
CA GLY A 162 22.39 48.71 11.07
C GLY A 162 20.96 49.21 11.24
N GLU A 163 20.11 48.85 10.30
CA GLU A 163 18.71 49.27 10.35
C GLU A 163 17.79 48.13 10.83
N PHE A 164 16.74 48.50 11.56
CA PHE A 164 15.73 47.58 12.09
C PHE A 164 14.49 47.71 11.21
N ALA A 165 14.39 46.89 10.18
CA ALA A 165 13.24 47.03 9.32
C ALA A 165 12.69 45.72 8.77
N SER A 166 11.49 45.79 8.21
CA SER A 166 10.84 44.64 7.60
C SER A 166 9.87 45.12 6.53
N ASP A 167 9.31 44.19 5.75
CA ASP A 167 8.34 44.55 4.72
C ASP A 167 6.98 44.02 5.16
N MET A 168 5.91 44.57 4.59
CA MET A 168 4.54 44.16 4.96
C MET A 168 4.20 42.69 4.71
N SER A 169 4.72 42.12 3.64
CA SER A 169 4.40 40.72 3.33
C SER A 169 5.03 39.77 4.35
N ASP A 170 6.18 40.14 4.88
CA ASP A 170 6.86 39.29 5.87
C ASP A 170 6.33 39.57 7.27
N ALA A 171 6.03 40.84 7.54
CA ALA A 171 5.51 41.24 8.84
C ALA A 171 4.12 40.69 9.03
N ALA A 172 3.44 40.45 7.91
CA ALA A 172 2.09 39.93 7.94
C ALA A 172 2.10 38.53 8.53
N GLY A 173 3.14 37.78 8.23
CA GLY A 173 3.23 36.43 8.75
C GLY A 173 3.66 36.33 10.21
N THR A 174 3.52 37.40 10.99
CA THR A 174 3.91 37.34 12.39
C THR A 174 2.66 37.15 13.22
N MET A 175 1.59 37.76 12.73
CA MET A 175 0.29 37.76 13.38
C MET A 175 0.30 38.91 14.37
N TRP A 176 1.18 39.88 14.13
CA TRP A 176 1.23 41.07 14.98
C TRP A 176 0.75 42.20 14.11
N LEU A 177 0.51 41.88 12.85
CA LEU A 177 0.09 42.90 11.90
C LEU A 177 -1.39 42.89 11.56
N ASP A 178 -2.01 44.06 11.62
CA ASP A 178 -3.41 44.20 11.22
C ASP A 178 -3.24 44.26 9.69
N VAL A 179 -3.29 43.10 9.04
CA VAL A 179 -3.07 43.03 7.60
C VAL A 179 -3.84 43.99 6.70
N ALA A 180 -5.06 44.32 7.08
CA ALA A 180 -5.85 45.24 6.25
C ALA A 180 -5.28 46.67 6.28
N LYS A 181 -4.75 47.07 7.44
CA LYS A 181 -4.20 48.41 7.61
C LYS A 181 -2.69 48.54 7.34
N ARG A 182 -2.04 47.43 7.03
CA ARG A 182 -0.60 47.45 6.79
C ARG A 182 0.12 48.15 7.94
N ASP A 183 -0.23 47.78 9.16
CA ASP A 183 0.40 48.34 10.33
C ASP A 183 0.20 47.39 11.50
N TRP A 184 1.12 47.42 12.45
CA TRP A 184 1.04 46.55 13.62
C TRP A 184 -0.28 46.73 14.32
N SER A 185 -0.66 45.68 15.03
CA SER A 185 -1.89 45.65 15.82
C SER A 185 -1.47 45.67 17.29
N ASP A 186 -1.80 46.75 17.98
CA ASP A 186 -1.45 46.85 19.39
C ASP A 186 -2.11 45.71 20.14
N VAL A 187 -3.36 45.41 19.76
CA VAL A 187 -4.11 44.34 20.39
C VAL A 187 -3.30 43.04 20.37
N MET A 188 -2.84 42.66 19.20
CA MET A 188 -2.05 41.44 19.02
C MET A 188 -0.74 41.46 19.77
N LEU A 189 -0.12 42.63 19.86
CA LEU A 189 1.13 42.78 20.56
C LEU A 189 0.93 42.71 22.08
N GLN A 190 -0.01 43.49 22.61
CA GLN A 190 -0.25 43.49 24.04
C GLN A 190 -0.50 42.08 24.55
N ALA A 191 -1.20 41.27 23.76
CA ALA A 191 -1.50 39.89 24.13
C ALA A 191 -0.21 39.12 24.36
N CYS A 192 0.78 39.34 23.52
CA CYS A 192 2.06 38.64 23.66
C CYS A 192 2.94 39.42 24.61
N ASP A 193 2.36 40.47 25.19
CA ASP A 193 3.05 41.37 26.11
C ASP A 193 4.30 41.90 25.42
N LEU A 194 4.10 42.43 24.22
CA LEU A 194 5.17 43.00 23.44
C LEU A 194 4.73 44.40 23.10
N SER A 195 5.64 45.17 22.51
CA SER A 195 5.34 46.55 22.17
C SER A 195 5.97 46.90 20.83
N ARG A 196 5.43 47.95 20.19
CA ARG A 196 5.97 48.40 18.91
C ARG A 196 7.48 48.62 18.95
N ASP A 197 7.99 49.10 20.09
CA ASP A 197 9.42 49.36 20.23
C ASP A 197 10.24 48.10 20.05
N GLN A 198 9.62 46.95 20.24
CA GLN A 198 10.35 45.69 20.10
C GLN A 198 10.18 45.16 18.68
N MET A 199 9.39 45.87 17.89
CA MET A 199 9.13 45.51 16.50
C MET A 199 9.94 46.42 15.60
N PRO A 200 10.31 45.94 14.42
CA PRO A 200 11.09 46.76 13.47
C PRO A 200 10.17 47.79 12.79
N ALA A 201 10.72 48.57 11.87
CA ALA A 201 9.92 49.57 11.17
C ALA A 201 9.37 48.93 9.89
N LEU A 202 8.12 49.22 9.56
CA LEU A 202 7.46 48.64 8.39
C LEU A 202 7.58 49.45 7.11
N TYR A 203 7.86 48.74 6.02
CA TYR A 203 7.99 49.34 4.69
C TYR A 203 7.30 48.45 3.63
N GLU A 204 6.98 49.02 2.47
CA GLU A 204 6.43 48.24 1.38
C GLU A 204 7.71 47.62 0.86
N GLY A 205 7.64 46.38 0.38
CA GLY A 205 8.83 45.69 -0.07
C GLY A 205 9.73 46.40 -1.08
N SER A 206 9.16 47.32 -1.84
CA SER A 206 9.89 48.05 -2.87
C SER A 206 10.49 49.38 -2.39
N GLU A 207 10.39 49.61 -1.08
CA GLU A 207 10.90 50.84 -0.48
C GLU A 207 12.27 50.60 0.13
N ILE A 208 13.15 51.60 -0.02
CA ILE A 208 14.52 51.56 0.52
C ILE A 208 14.45 51.77 2.03
N THR A 209 15.20 50.98 2.77
CA THR A 209 15.17 51.07 4.23
C THR A 209 16.53 51.36 4.84
N GLY A 210 17.54 51.44 3.98
CA GLY A 210 18.88 51.69 4.46
C GLY A 210 19.89 51.43 3.36
N ALA A 211 21.14 51.28 3.74
CA ALA A 211 22.18 51.04 2.75
C ALA A 211 23.27 50.19 3.38
N LEU A 212 24.03 49.49 2.55
CA LEU A 212 25.09 48.64 3.05
C LEU A 212 26.14 49.45 3.82
N LEU A 213 26.38 49.06 5.06
CA LEU A 213 27.38 49.72 5.87
C LEU A 213 28.73 49.59 5.14
N PRO A 214 29.52 50.68 5.10
CA PRO A 214 30.83 50.77 4.44
C PRO A 214 31.69 49.52 4.48
N GLU A 215 31.87 48.94 5.65
CA GLU A 215 32.71 47.76 5.75
C GLU A 215 32.05 46.54 5.09
N VAL A 216 30.72 46.56 5.01
CA VAL A 216 30.04 45.46 4.37
C VAL A 216 30.23 45.70 2.86
N ALA A 217 29.93 46.91 2.41
CA ALA A 217 30.12 47.25 1.00
C ALA A 217 31.56 46.90 0.61
N LYS A 218 32.48 47.18 1.52
CA LYS A 218 33.89 46.93 1.32
C LYS A 218 34.22 45.46 1.09
N ALA A 219 33.96 44.64 2.11
CA ALA A 219 34.27 43.21 2.02
C ALA A 219 33.66 42.55 0.79
N TRP A 220 32.45 42.97 0.42
CA TRP A 220 31.76 42.39 -0.73
C TRP A 220 32.13 43.05 -2.05
N GLY A 221 33.05 44.02 -1.99
CA GLY A 221 33.49 44.69 -3.20
C GLY A 221 32.48 45.57 -3.90
N MET A 222 31.49 46.09 -3.17
CA MET A 222 30.52 46.97 -3.79
C MET A 222 30.34 48.30 -3.05
N ALA A 223 29.65 49.24 -3.68
CA ALA A 223 29.43 50.54 -3.06
C ALA A 223 28.44 50.40 -1.89
N THR A 224 28.20 51.50 -1.18
CA THR A 224 27.26 51.48 -0.05
C THR A 224 25.88 51.69 -0.64
N VAL A 225 25.49 50.72 -1.44
CA VAL A 225 24.21 50.68 -2.16
C VAL A 225 22.96 50.63 -1.26
N PRO A 226 21.84 51.18 -1.75
CA PRO A 226 20.59 51.18 -0.99
C PRO A 226 20.02 49.75 -0.86
N VAL A 227 19.29 49.49 0.20
CA VAL A 227 18.72 48.17 0.41
C VAL A 227 17.23 48.28 0.62
N VAL A 228 16.46 47.57 -0.21
CA VAL A 228 15.01 47.63 -0.09
C VAL A 228 14.48 46.72 1.00
N ALA A 229 13.22 46.90 1.32
CA ALA A 229 12.57 46.09 2.35
C ALA A 229 12.52 44.61 1.94
N GLY A 230 12.21 44.35 0.67
CA GLY A 230 12.14 42.97 0.19
C GLY A 230 10.77 42.33 0.43
N GLY A 231 10.76 41.03 0.72
CA GLY A 231 9.52 40.34 0.99
C GLY A 231 9.78 38.92 1.44
N GLY A 232 8.75 38.24 1.91
CA GLY A 232 8.91 36.85 2.32
C GLY A 232 9.19 36.07 1.05
N ASP A 233 9.82 34.90 1.17
CA ASP A 233 10.12 34.12 -0.03
C ASP A 233 8.93 33.98 -0.97
N ASN A 234 7.73 33.75 -0.45
CA ASN A 234 6.59 33.62 -1.33
C ASN A 234 6.31 34.91 -2.08
N ALA A 235 5.94 35.96 -1.38
CA ALA A 235 5.64 37.23 -2.04
C ALA A 235 6.76 37.67 -2.99
N ALA A 236 8.01 37.55 -2.54
CA ALA A 236 9.16 37.93 -3.35
C ALA A 236 9.16 37.10 -4.62
N GLY A 237 9.12 35.78 -4.45
CA GLY A 237 9.11 34.88 -5.58
C GLY A 237 8.01 35.29 -6.58
N ALA A 238 6.85 35.66 -6.06
CA ALA A 238 5.77 36.09 -6.92
C ALA A 238 6.12 37.36 -7.71
N VAL A 239 6.80 38.31 -7.07
CA VAL A 239 7.18 39.53 -7.77
C VAL A 239 8.11 39.18 -8.93
N GLY A 240 9.03 38.25 -8.68
CA GLY A 240 9.96 37.84 -9.71
C GLY A 240 9.26 37.32 -10.95
N VAL A 241 8.24 36.50 -10.73
CA VAL A 241 7.46 35.90 -11.81
C VAL A 241 6.52 36.91 -12.44
N GLY A 242 6.30 38.01 -11.75
CA GLY A 242 5.43 39.06 -12.27
C GLY A 242 4.04 39.08 -11.68
N MET A 243 3.82 38.36 -10.59
CA MET A 243 2.49 38.36 -9.99
C MET A 243 2.31 39.66 -9.24
N VAL A 244 1.71 40.65 -9.89
CA VAL A 244 1.52 41.93 -9.25
C VAL A 244 0.11 42.49 -9.12
N ASP A 245 -0.81 42.18 -10.02
CA ASP A 245 -2.16 42.73 -9.86
C ASP A 245 -3.26 41.75 -9.49
N ALA A 246 -4.37 42.29 -9.02
CA ALA A 246 -5.50 41.49 -8.61
C ALA A 246 -5.80 40.40 -9.63
N ASN A 247 -6.12 39.21 -9.14
CA ASN A 247 -6.48 38.05 -9.95
C ASN A 247 -5.41 37.51 -10.89
N GLN A 248 -4.18 37.56 -10.42
CA GLN A 248 -3.04 37.05 -11.17
C GLN A 248 -2.61 35.93 -10.24
N ALA A 249 -2.42 34.74 -10.78
CA ALA A 249 -2.05 33.65 -9.89
C ALA A 249 -1.09 32.69 -10.52
N MET A 250 -0.26 32.09 -9.69
CA MET A 250 0.72 31.17 -10.18
C MET A 250 0.82 29.93 -9.30
N LEU A 251 1.06 28.79 -9.95
CA LEU A 251 1.18 27.52 -9.27
C LEU A 251 2.63 27.05 -9.43
N SER A 252 3.34 26.93 -8.32
CA SER A 252 4.73 26.48 -8.36
C SER A 252 4.82 24.99 -8.09
N LEU A 253 5.27 24.23 -9.09
CA LEU A 253 5.40 22.80 -8.93
C LEU A 253 6.85 22.42 -8.68
N GLY A 254 7.49 23.13 -7.79
CA GLY A 254 8.88 22.84 -7.49
C GLY A 254 8.98 21.95 -6.28
N THR A 255 10.13 21.99 -5.62
CA THR A 255 10.35 21.18 -4.42
C THR A 255 9.36 21.68 -3.38
N SER A 256 8.95 22.93 -3.55
CA SER A 256 7.99 23.58 -2.65
C SER A 256 6.77 24.00 -3.43
N GLY A 257 5.67 23.27 -3.20
CA GLY A 257 4.43 23.55 -3.90
C GLY A 257 3.65 24.68 -3.26
N VAL A 258 3.29 25.65 -4.08
CA VAL A 258 2.57 26.81 -3.59
C VAL A 258 1.63 27.32 -4.66
N TYR A 259 0.46 27.75 -4.25
CA TYR A 259 -0.47 28.36 -5.19
C TYR A 259 -0.56 29.76 -4.63
N PHE A 260 -0.16 30.75 -5.42
CA PHE A 260 -0.15 32.14 -4.98
C PHE A 260 -1.05 32.96 -5.87
N ALA A 261 -1.87 33.80 -5.26
CA ALA A 261 -2.77 34.63 -6.04
C ALA A 261 -2.94 36.04 -5.45
N VAL A 262 -2.71 37.04 -6.29
CA VAL A 262 -2.86 38.43 -5.89
C VAL A 262 -4.35 38.72 -5.83
N SER A 263 -4.86 38.98 -4.63
CA SER A 263 -6.28 39.25 -4.44
C SER A 263 -6.69 40.67 -4.77
N GLU A 264 -7.99 40.90 -4.78
CA GLU A 264 -8.54 42.22 -5.03
C GLU A 264 -8.86 42.72 -3.63
N GLY A 265 -7.89 43.37 -3.01
CA GLY A 265 -8.07 43.85 -1.65
C GLY A 265 -7.69 42.76 -0.67
N PHE A 266 -7.96 42.99 0.61
CA PHE A 266 -7.65 42.00 1.63
C PHE A 266 -8.81 40.99 1.78
N LEU A 267 -8.53 39.74 1.40
CA LEU A 267 -9.51 38.65 1.49
C LEU A 267 -9.19 37.80 2.72
N SER A 268 -10.19 37.61 3.58
CA SER A 268 -10.03 36.84 4.82
C SER A 268 -10.82 35.51 4.84
N LYS A 269 -10.11 34.40 4.68
CA LYS A 269 -10.73 33.08 4.70
C LYS A 269 -9.99 32.21 5.72
N PRO A 270 -9.87 32.69 6.97
CA PRO A 270 -9.18 32.02 8.07
C PRO A 270 -9.47 30.54 8.35
N GLU A 271 -10.74 30.21 8.56
CA GLU A 271 -11.11 28.82 8.86
C GLU A 271 -10.61 27.82 7.82
N SER A 272 -10.12 28.34 6.69
CA SER A 272 -9.60 27.51 5.63
C SER A 272 -8.11 27.33 5.86
N ALA A 273 -7.46 26.70 4.90
CA ALA A 273 -6.03 26.47 4.96
C ALA A 273 -5.45 27.48 3.97
N VAL A 274 -6.27 28.49 3.65
CA VAL A 274 -5.85 29.54 2.74
C VAL A 274 -5.27 30.63 3.61
N HIS A 275 -4.12 31.14 3.21
CA HIS A 275 -3.47 32.20 3.95
C HIS A 275 -3.64 33.52 3.22
N SER A 276 -3.86 34.57 4.00
CA SER A 276 -4.01 35.93 3.47
C SER A 276 -2.90 36.80 4.09
N PHE A 277 -2.08 37.40 3.23
CA PHE A 277 -0.99 38.23 3.69
C PHE A 277 -0.86 39.48 2.81
N CYS A 278 -0.14 40.47 3.30
CA CYS A 278 0.19 41.62 2.49
C CYS A 278 1.16 41.18 1.42
N HIS A 279 1.00 41.69 0.20
CA HIS A 279 1.99 41.50 -0.84
C HIS A 279 3.27 42.27 -0.54
N ALA A 280 4.30 42.01 -1.32
CA ALA A 280 5.55 42.74 -1.20
C ALA A 280 5.53 43.96 -2.10
N LEU A 281 4.32 44.39 -2.41
CA LEU A 281 4.12 45.55 -3.23
C LEU A 281 3.15 46.48 -2.54
N PRO A 282 3.25 47.77 -2.87
CA PRO A 282 2.32 48.76 -2.36
C PRO A 282 0.89 48.50 -2.76
N GLN A 283 0.01 48.47 -1.78
CA GLN A 283 -1.43 48.42 -1.97
C GLN A 283 -1.87 47.12 -2.55
N ARG A 284 -1.07 46.09 -2.31
CA ARG A 284 -1.30 44.77 -2.86
C ARG A 284 -1.41 43.75 -1.75
N TRP A 285 -2.38 42.84 -1.87
CA TRP A 285 -2.46 41.71 -0.98
C TRP A 285 -2.40 40.41 -1.74
N HIS A 286 -2.50 39.31 -1.02
CA HIS A 286 -2.58 38.02 -1.64
C HIS A 286 -3.07 36.90 -0.74
N LEU A 287 -3.35 35.78 -1.38
CA LEU A 287 -3.74 34.57 -0.72
C LEU A 287 -2.70 33.55 -1.17
N MET A 288 -2.40 32.58 -0.34
CA MET A 288 -1.48 31.54 -0.75
C MET A 288 -1.84 30.27 -0.01
N SER A 289 -1.52 29.14 -0.62
CA SER A 289 -1.85 27.86 -0.02
C SER A 289 -0.72 26.90 -0.32
N VAL A 290 -0.35 26.11 0.66
CA VAL A 290 0.68 25.13 0.46
C VAL A 290 0.14 23.93 -0.28
N MET A 291 0.93 23.41 -1.20
CA MET A 291 0.49 22.32 -2.03
C MET A 291 1.51 21.22 -2.08
N LEU A 292 1.17 20.12 -2.73
CA LEU A 292 2.12 19.06 -3.01
C LEU A 292 3.21 19.55 -3.93
N SER A 293 4.36 18.93 -3.83
CA SER A 293 5.30 18.95 -4.92
C SER A 293 5.22 17.69 -5.73
N ALA A 294 4.31 17.67 -6.71
CA ALA A 294 4.71 17.36 -8.06
C ALA A 294 6.09 17.74 -8.54
N ALA A 295 6.90 16.76 -8.90
CA ALA A 295 8.34 16.91 -8.94
C ALA A 295 9.08 16.56 -7.68
N SER A 296 8.36 16.01 -6.73
CA SER A 296 8.84 15.16 -5.67
C SER A 296 8.04 13.89 -5.61
N CYS A 297 6.74 14.01 -5.81
CA CYS A 297 5.91 12.84 -6.06
C CYS A 297 6.22 12.17 -7.39
N LEU A 298 6.57 12.93 -8.41
CA LEU A 298 6.82 12.34 -9.70
C LEU A 298 8.15 11.61 -9.72
N ASP A 299 9.09 12.08 -8.93
CA ASP A 299 10.35 11.39 -8.77
C ASP A 299 10.20 10.13 -7.97
N TRP A 300 9.46 10.22 -6.88
CA TRP A 300 9.35 9.13 -5.95
C TRP A 300 8.69 7.96 -6.64
N ALA A 301 7.71 8.28 -7.48
CA ALA A 301 6.89 7.29 -8.16
C ALA A 301 7.63 6.69 -9.33
N ALA A 302 8.50 7.47 -9.91
CA ALA A 302 9.29 6.98 -11.02
C ALA A 302 10.30 5.96 -10.55
N LYS A 303 10.63 6.00 -9.28
CA LYS A 303 11.56 5.05 -8.76
C LYS A 303 10.88 3.84 -8.14
N LEU A 304 9.79 4.08 -7.44
CA LEU A 304 9.03 3.00 -6.87
C LEU A 304 8.75 1.99 -7.94
N THR A 305 8.73 2.47 -9.18
CA THR A 305 8.23 1.71 -10.29
C THR A 305 9.36 1.17 -11.10
N GLY A 306 10.55 1.68 -10.85
CA GLY A 306 11.74 1.20 -11.54
C GLY A 306 11.94 1.88 -12.86
N LEU A 307 11.42 3.09 -13.00
CA LEU A 307 11.26 3.71 -14.29
C LEU A 307 12.21 4.87 -14.45
N SER A 308 12.87 5.24 -13.36
CA SER A 308 14.11 6.01 -13.43
C SER A 308 14.29 7.37 -14.06
N ASN A 309 13.17 7.99 -14.42
CA ASN A 309 13.21 9.32 -15.01
C ASN A 309 11.72 9.61 -15.08
N VAL A 310 11.36 10.88 -15.03
CA VAL A 310 9.98 11.25 -14.85
C VAL A 310 9.25 11.21 -16.18
N PRO A 311 10.01 11.18 -17.25
CA PRO A 311 9.40 11.10 -18.57
C PRO A 311 8.99 9.70 -18.93
N ALA A 312 9.70 8.72 -18.39
CA ALA A 312 9.28 7.33 -18.41
C ALA A 312 8.02 7.05 -17.62
N LEU A 313 7.95 7.60 -16.43
CA LEU A 313 6.71 7.59 -15.69
C LEU A 313 5.55 8.04 -16.57
N ILE A 314 5.69 9.22 -17.17
CA ILE A 314 4.59 9.83 -17.87
C ILE A 314 4.24 9.08 -19.11
N ALA A 315 5.23 8.45 -19.71
CA ALA A 315 5.01 7.56 -20.83
C ALA A 315 4.25 6.33 -20.40
N ALA A 316 4.72 5.69 -19.34
CA ALA A 316 4.04 4.55 -18.79
C ALA A 316 2.60 4.86 -18.49
N ALA A 317 2.37 5.98 -17.83
CA ALA A 317 1.03 6.35 -17.46
C ALA A 317 0.13 6.26 -18.66
N GLN A 318 0.72 6.48 -19.83
CA GLN A 318 -0.04 6.61 -21.05
C GLN A 318 -0.28 5.27 -21.70
N GLN A 319 0.37 4.25 -21.17
CA GLN A 319 0.29 2.92 -21.71
C GLN A 319 -0.53 2.02 -20.82
N ALA A 320 -1.24 2.63 -19.87
CA ALA A 320 -2.00 1.89 -18.91
C ALA A 320 -3.14 1.17 -19.58
N ASP A 321 -3.59 0.08 -18.95
CA ASP A 321 -4.60 -0.77 -19.54
C ASP A 321 -6.00 -0.15 -19.43
N GLU A 322 -6.53 0.32 -20.55
CA GLU A 322 -7.84 0.95 -20.59
C GLU A 322 -8.93 0.07 -19.98
N SER A 323 -8.61 -1.20 -19.75
CA SER A 323 -9.59 -2.13 -19.19
C SER A 323 -9.40 -2.38 -17.70
N ALA A 324 -8.21 -2.12 -17.19
CA ALA A 324 -7.95 -2.34 -15.78
C ALA A 324 -8.77 -1.38 -14.93
N GLU A 325 -9.29 -1.89 -13.81
CA GLU A 325 -10.10 -1.08 -12.90
C GLU A 325 -9.30 0.13 -12.38
N PRO A 326 -10.01 1.17 -11.93
CA PRO A 326 -9.31 2.35 -11.43
C PRO A 326 -8.52 2.10 -10.15
N VAL A 327 -7.32 2.67 -10.11
CA VAL A 327 -6.48 2.59 -8.93
C VAL A 327 -6.43 4.01 -8.36
N TRP A 328 -6.67 4.15 -7.06
CA TRP A 328 -6.66 5.48 -6.47
C TRP A 328 -5.44 5.78 -5.60
N PHE A 329 -4.68 6.78 -6.00
CA PHE A 329 -3.52 7.18 -5.23
C PHE A 329 -3.89 8.43 -4.43
N LEU A 330 -4.08 8.27 -3.14
CA LEU A 330 -4.46 9.41 -2.31
C LEU A 330 -3.20 10.05 -1.68
N PRO A 331 -2.83 11.27 -2.15
CA PRO A 331 -1.66 11.99 -1.62
C PRO A 331 -2.03 12.92 -0.46
N TYR A 332 -1.55 12.57 0.73
CA TYR A 332 -1.84 13.37 1.90
C TYR A 332 -0.70 14.32 2.25
N LEU A 333 -1.00 15.62 2.21
CA LEU A 333 -0.01 16.63 2.52
C LEU A 333 0.08 16.94 4.02
N SER A 334 1.31 16.91 4.54
CA SER A 334 1.57 17.20 5.94
C SER A 334 1.88 18.68 6.12
N PRO A 343 6.28 17.65 0.07
CA PRO A 343 7.28 16.67 -0.37
C PRO A 343 7.80 15.93 0.84
N GLN A 344 7.18 16.18 1.98
CA GLN A 344 6.44 15.15 2.69
C GLN A 344 4.95 15.13 2.38
N ALA A 345 4.57 14.27 1.46
CA ALA A 345 3.28 13.63 1.48
C ALA A 345 3.36 12.24 2.10
N LYS A 346 2.27 11.81 2.72
CA LYS A 346 2.01 10.40 2.99
C LYS A 346 1.00 9.90 1.98
N GLY A 347 1.24 8.75 1.34
CA GLY A 347 0.25 8.34 0.35
C GLY A 347 -0.36 6.95 0.44
N VAL A 348 -1.60 6.85 -0.02
CA VAL A 348 -2.30 5.57 -0.03
C VAL A 348 -2.61 5.12 -1.45
N PHE A 349 -2.49 3.82 -1.69
CA PHE A 349 -2.79 3.18 -2.98
C PHE A 349 -3.97 2.26 -2.75
N PHE A 350 -5.17 2.74 -3.07
CA PHE A 350 -6.39 1.99 -2.87
C PHE A 350 -6.82 1.32 -4.15
N GLY A 351 -6.96 0.00 -4.10
CA GLY A 351 -7.74 -0.72 -5.07
C GLY A 351 -6.93 -1.54 -6.05
N LEU A 352 -5.86 -2.13 -5.57
CA LEU A 352 -4.88 -2.74 -6.43
C LEU A 352 -5.16 -4.21 -6.68
N THR A 353 -5.08 -4.62 -7.93
CA THR A 353 -5.44 -5.99 -8.29
C THR A 353 -4.33 -6.66 -9.07
N HIS A 354 -4.56 -7.91 -9.46
CA HIS A 354 -3.63 -8.61 -10.30
C HIS A 354 -3.42 -7.88 -11.60
N GLN A 355 -4.45 -7.19 -12.06
CA GLN A 355 -4.42 -6.47 -13.33
C GLN A 355 -3.60 -5.18 -13.37
N HIS A 356 -3.04 -4.77 -12.23
CA HIS A 356 -2.46 -3.43 -12.08
C HIS A 356 -0.95 -3.50 -11.99
N GLY A 357 -0.28 -2.95 -12.98
CA GLY A 357 1.17 -2.95 -12.99
C GLY A 357 1.72 -1.55 -13.00
N PRO A 358 2.99 -1.43 -13.33
CA PRO A 358 3.69 -0.15 -13.19
C PRO A 358 3.08 0.94 -14.04
N ASN A 359 2.48 0.56 -15.15
CA ASN A 359 1.89 1.53 -16.04
C ASN A 359 0.63 2.13 -15.44
N GLU A 360 -0.15 1.28 -14.80
CA GLU A 360 -1.41 1.66 -14.23
C GLU A 360 -1.18 2.44 -12.95
N LEU A 361 -0.08 2.13 -12.30
CA LEU A 361 0.31 2.80 -11.09
C LEU A 361 0.86 4.15 -11.42
N ALA A 362 1.62 4.23 -12.48
CA ALA A 362 2.07 5.51 -12.97
C ALA A 362 0.91 6.47 -13.08
N ARG A 363 -0.19 5.98 -13.63
CA ARG A 363 -1.28 6.84 -14.06
C ARG A 363 -2.13 7.24 -12.89
N ALA A 364 -2.18 6.36 -11.91
CA ALA A 364 -2.84 6.62 -10.66
C ALA A 364 -2.18 7.75 -9.90
N VAL A 365 -0.87 7.85 -10.01
CA VAL A 365 -0.15 8.89 -9.32
C VAL A 365 -0.41 10.26 -9.94
N LEU A 366 -0.21 10.36 -11.24
CA LEU A 366 -0.42 11.61 -11.93
C LEU A 366 -1.80 12.14 -11.65
N GLU A 367 -2.78 11.26 -11.65
CA GLU A 367 -4.16 11.66 -11.41
C GLU A 367 -4.39 12.08 -9.99
N GLY A 368 -3.85 11.29 -9.06
CA GLY A 368 -4.01 11.59 -7.65
C GLY A 368 -3.42 12.95 -7.33
N VAL A 369 -2.17 13.17 -7.74
CA VAL A 369 -1.50 14.45 -7.51
C VAL A 369 -2.29 15.56 -8.21
N GLY A 370 -2.64 15.31 -9.46
CA GLY A 370 -3.41 16.27 -10.20
C GLY A 370 -4.72 16.60 -9.50
N TYR A 371 -5.46 15.57 -9.07
CA TYR A 371 -6.74 15.79 -8.40
C TYR A 371 -6.52 16.59 -7.13
N ALA A 372 -5.40 16.32 -6.46
CA ALA A 372 -5.10 17.02 -5.22
C ALA A 372 -4.87 18.52 -5.49
N LEU A 373 -4.07 18.83 -6.53
CA LEU A 373 -3.77 20.22 -6.90
C LEU A 373 -5.00 20.97 -7.40
N ALA A 374 -5.87 20.28 -8.12
CA ALA A 374 -7.07 20.94 -8.64
C ALA A 374 -7.95 21.36 -7.48
N ASP A 375 -7.99 20.52 -6.45
CA ASP A 375 -8.81 20.84 -5.28
C ASP A 375 -8.16 21.96 -4.49
N GLY A 376 -6.83 21.99 -4.47
CA GLY A 376 -6.14 23.04 -3.76
C GLY A 376 -6.51 24.38 -4.35
N MET A 377 -6.40 24.50 -5.67
CA MET A 377 -6.73 25.76 -6.31
C MET A 377 -8.18 26.12 -6.11
N ASP A 378 -9.05 25.12 -6.21
CA ASP A 378 -10.48 25.37 -6.04
C ASP A 378 -10.77 26.04 -4.70
N VAL A 379 -10.03 25.65 -3.66
CA VAL A 379 -10.28 26.20 -2.33
C VAL A 379 -9.99 27.69 -2.28
N VAL A 380 -8.98 28.10 -3.02
CA VAL A 380 -8.51 29.46 -3.04
C VAL A 380 -9.43 30.35 -3.87
N HIS A 381 -9.90 29.83 -4.99
CA HIS A 381 -10.84 30.53 -5.83
C HIS A 381 -12.18 30.81 -5.15
N ALA A 382 -12.66 29.86 -4.39
CA ALA A 382 -13.95 30.03 -3.75
C ALA A 382 -13.81 31.12 -2.74
N CYS A 383 -12.62 31.66 -2.65
CA CYS A 383 -12.27 32.65 -1.66
C CYS A 383 -12.48 34.03 -2.24
N GLY A 384 -12.36 34.13 -3.56
CA GLY A 384 -12.72 35.34 -4.26
C GLY A 384 -11.92 35.49 -5.53
N ILE A 385 -10.98 34.59 -5.71
CA ILE A 385 -9.93 34.72 -6.70
C ILE A 385 -10.41 34.23 -8.04
N LYS A 386 -10.09 34.98 -9.10
CA LYS A 386 -10.76 34.85 -10.37
C LYS A 386 -9.81 34.78 -11.53
N PRO A 387 -8.72 34.02 -11.41
CA PRO A 387 -7.77 33.98 -12.51
C PRO A 387 -8.37 33.40 -13.78
N GLN A 388 -8.11 34.05 -14.91
CA GLN A 388 -8.61 33.56 -16.19
C GLN A 388 -7.69 32.41 -16.56
N SER A 389 -6.39 32.66 -16.45
CA SER A 389 -5.39 31.67 -16.73
C SER A 389 -4.43 31.74 -15.55
N VAL A 390 -3.77 30.64 -15.29
CA VAL A 390 -2.85 30.56 -14.18
C VAL A 390 -1.44 30.27 -14.67
N THR A 391 -0.46 30.98 -14.11
CA THR A 391 0.91 30.76 -14.51
C THR A 391 1.44 29.56 -13.76
N LEU A 392 2.14 28.72 -14.50
CA LEU A 392 2.60 27.44 -14.00
C LEU A 392 4.11 27.36 -14.11
N ILE A 393 4.78 27.18 -13.00
CA ILE A 393 6.22 27.01 -13.01
C ILE A 393 6.74 25.94 -12.08
N GLY A 394 8.02 25.62 -12.21
CA GLY A 394 8.63 24.62 -11.40
C GLY A 394 9.14 23.46 -12.24
N GLY A 395 9.91 22.59 -11.61
CA GLY A 395 10.42 21.42 -12.29
C GLY A 395 9.35 20.37 -12.49
N GLY A 396 8.39 20.34 -11.57
CA GLY A 396 7.28 19.44 -11.65
C GLY A 396 6.36 19.71 -12.81
N ALA A 397 6.66 20.74 -13.59
CA ALA A 397 5.79 21.17 -14.65
C ALA A 397 6.48 21.03 -15.99
N ARG A 398 7.58 20.30 -16.01
CA ARG A 398 8.34 20.10 -17.21
C ARG A 398 7.62 19.30 -18.28
N SER A 399 6.81 18.33 -17.87
CA SER A 399 6.15 17.45 -18.81
C SER A 399 4.82 17.97 -19.36
N GLU A 400 4.66 17.83 -20.66
CA GLU A 400 3.60 18.46 -21.40
C GLU A 400 2.33 17.66 -21.31
N TYR A 401 2.45 16.34 -21.40
CA TYR A 401 1.36 15.46 -21.07
C TYR A 401 0.78 15.89 -19.78
N TRP A 402 1.63 16.14 -18.81
CA TRP A 402 1.15 16.34 -17.48
C TRP A 402 0.67 17.76 -17.21
N ARG A 403 1.17 18.73 -17.95
CA ARG A 403 0.60 20.06 -17.91
C ARG A 403 -0.83 20.06 -18.38
N GLN A 404 -1.12 19.18 -19.33
CA GLN A 404 -2.42 19.07 -19.95
C GLN A 404 -3.39 18.23 -19.15
N MET A 405 -2.92 17.14 -18.58
CA MET A 405 -3.76 16.37 -17.68
C MET A 405 -4.27 17.28 -16.58
N LEU A 406 -3.41 18.19 -16.17
CA LEU A 406 -3.63 19.04 -15.04
C LEU A 406 -4.58 20.18 -15.36
N ALA A 407 -4.39 20.77 -16.53
CA ALA A 407 -5.37 21.67 -17.12
C ALA A 407 -6.74 21.05 -17.29
N ASP A 408 -6.77 19.78 -17.66
CA ASP A 408 -8.01 19.10 -17.99
C ASP A 408 -8.76 18.74 -16.74
N ILE A 409 -8.02 18.28 -15.74
CA ILE A 409 -8.55 18.03 -14.42
C ILE A 409 -9.05 19.28 -13.73
N SER A 410 -8.27 20.34 -13.81
CA SER A 410 -8.56 21.55 -13.05
C SER A 410 -9.60 22.38 -13.76
N GLY A 411 -9.60 22.29 -15.07
CA GLY A 411 -10.52 23.08 -15.86
C GLY A 411 -9.94 24.48 -16.02
N GLN A 412 -8.71 24.65 -15.56
CA GLN A 412 -8.04 25.93 -15.64
C GLN A 412 -7.01 25.99 -16.75
N GLN A 413 -7.01 27.11 -17.47
CA GLN A 413 -6.03 27.32 -18.52
C GLN A 413 -4.69 27.45 -17.79
N LEU A 414 -3.65 26.84 -18.32
CA LEU A 414 -2.35 26.91 -17.65
C LEU A 414 -1.25 27.43 -18.56
N ASP A 415 -0.76 28.64 -18.27
CA ASP A 415 0.31 29.21 -19.08
C ASP A 415 1.64 28.82 -18.45
N TYR A 416 2.33 27.92 -19.14
CA TYR A 416 3.62 27.43 -18.69
C TYR A 416 4.70 28.42 -19.13
N ARG A 417 5.39 28.99 -18.16
CA ARG A 417 6.44 29.94 -18.45
C ARG A 417 7.76 29.46 -17.93
N THR A 418 8.83 29.89 -18.57
CA THR A 418 10.16 29.50 -18.17
C THR A 418 10.80 30.50 -17.22
N GLY A 419 11.25 30.01 -16.07
CA GLY A 419 12.38 30.60 -15.39
C GLY A 419 12.10 30.81 -13.93
N GLY A 420 11.36 29.88 -13.33
CA GLY A 420 11.20 29.84 -11.90
C GLY A 420 12.25 28.95 -11.29
N ASP A 421 13.32 28.73 -12.04
CA ASP A 421 14.49 28.07 -11.51
C ASP A 421 15.20 28.96 -10.51
N VAL A 422 14.92 30.26 -10.57
CA VAL A 422 15.73 31.25 -9.90
C VAL A 422 15.30 31.47 -8.48
N GLY A 423 14.01 31.69 -8.28
CA GLY A 423 13.43 31.67 -6.96
C GLY A 423 13.08 33.05 -6.48
N PRO A 424 13.11 33.21 -5.17
CA PRO A 424 12.75 34.47 -4.54
C PRO A 424 13.84 35.48 -4.73
N ALA A 425 15.06 35.00 -4.89
CA ALA A 425 16.20 35.86 -5.15
C ALA A 425 15.95 36.76 -6.33
N LEU A 426 15.23 36.28 -7.33
CA LEU A 426 14.95 37.10 -8.49
C LEU A 426 13.99 38.22 -8.06
N GLY A 427 13.10 37.89 -7.13
CA GLY A 427 12.15 38.87 -6.65
C GLY A 427 12.88 39.99 -5.92
N ALA A 428 13.75 39.60 -5.00
CA ALA A 428 14.56 40.54 -4.23
C ALA A 428 15.24 41.53 -5.17
N ALA A 429 15.94 41.01 -6.17
CA ALA A 429 16.61 41.85 -7.14
C ALA A 429 15.58 42.73 -7.84
N ARG A 430 14.39 42.18 -8.06
CA ARG A 430 13.35 42.94 -8.74
C ARG A 430 12.90 44.12 -7.90
N LEU A 431 12.62 43.88 -6.63
CA LEU A 431 12.18 44.96 -5.76
C LEU A 431 13.26 46.06 -5.75
N ALA A 432 14.53 45.64 -5.83
CA ALA A 432 15.65 46.57 -5.83
C ALA A 432 15.61 47.44 -7.08
N GLN A 433 15.29 46.83 -8.22
CA GLN A 433 15.20 47.59 -9.47
C GLN A 433 14.12 48.66 -9.38
N ILE A 434 13.04 48.34 -8.69
CA ILE A 434 11.94 49.27 -8.53
C ILE A 434 12.38 50.51 -7.75
N ALA A 435 13.19 50.30 -6.72
CA ALA A 435 13.65 51.40 -5.89
C ALA A 435 14.67 52.26 -6.65
N ALA A 436 15.57 51.59 -7.38
CA ALA A 436 16.60 52.24 -8.17
C ALA A 436 16.08 53.05 -9.37
N ASN A 437 14.94 52.65 -9.94
CA ASN A 437 14.39 53.37 -11.08
C ASN A 437 12.99 53.87 -10.75
N PRO A 438 12.89 54.87 -9.87
CA PRO A 438 11.60 55.43 -9.45
C PRO A 438 10.73 56.07 -10.51
N GLU A 439 11.28 56.41 -11.68
CA GLU A 439 10.46 57.02 -12.72
C GLU A 439 9.77 55.96 -13.57
N LYS A 440 10.36 54.78 -13.65
CA LYS A 440 9.78 53.70 -14.43
C LYS A 440 8.59 53.02 -13.78
N SER A 441 7.73 52.45 -14.62
CA SER A 441 6.61 51.70 -14.12
C SER A 441 6.96 50.26 -13.85
N LEU A 442 5.99 49.53 -13.33
CA LEU A 442 6.15 48.12 -13.03
C LEU A 442 5.96 47.27 -14.26
N ILE A 443 5.11 47.75 -15.17
CA ILE A 443 4.94 47.08 -16.44
C ILE A 443 6.26 46.76 -17.08
N GLU A 444 7.18 47.71 -17.05
CA GLU A 444 8.45 47.53 -17.72
C GLU A 444 9.41 46.78 -16.84
N LEU A 445 9.23 46.93 -15.54
CA LEU A 445 10.19 46.45 -14.58
C LEU A 445 9.85 45.05 -14.07
N LEU A 446 8.58 44.72 -14.03
CA LEU A 446 8.15 43.36 -13.77
C LEU A 446 7.41 42.73 -14.91
N PRO A 447 8.13 42.41 -15.98
CA PRO A 447 7.60 41.49 -16.98
C PRO A 447 7.21 40.15 -16.39
N GLN A 448 6.42 39.40 -17.15
CA GLN A 448 6.19 38.00 -16.85
C GLN A 448 7.22 37.14 -17.53
N LEU A 449 7.42 35.94 -17.01
CA LEU A 449 8.38 35.03 -17.59
C LEU A 449 7.95 34.69 -18.99
N PRO A 450 8.89 34.24 -19.81
CA PRO A 450 8.53 33.95 -21.21
C PRO A 450 7.48 32.83 -21.31
N LEU A 451 6.51 33.02 -22.20
CA LEU A 451 5.49 32.02 -22.38
C LEU A 451 6.09 30.84 -23.11
N GLU A 452 6.14 29.69 -22.44
CA GLU A 452 6.67 28.50 -23.07
C GLU A 452 5.55 27.77 -23.80
N GLN A 453 4.37 27.72 -23.18
CA GLN A 453 3.21 27.05 -23.76
C GLN A 453 1.90 27.29 -23.00
N SER A 454 0.81 27.41 -23.74
CA SER A 454 -0.49 27.63 -23.13
C SER A 454 -1.40 26.39 -23.23
N HIS A 455 -1.83 25.88 -22.08
CA HIS A 455 -2.69 24.71 -22.06
C HIS A 455 -4.14 25.05 -21.80
N LEU A 456 -4.97 24.87 -22.82
CA LEU A 456 -6.40 25.13 -22.67
C LEU A 456 -7.06 23.82 -22.25
N PRO A 457 -7.96 23.86 -21.26
CA PRO A 457 -8.66 22.67 -20.78
C PRO A 457 -9.48 21.99 -21.87
N ASP A 458 -9.33 20.67 -22.00
CA ASP A 458 -10.11 19.93 -22.98
C ASP A 458 -11.49 19.65 -22.35
N ALA A 459 -12.56 20.15 -22.97
CA ALA A 459 -13.90 19.98 -22.42
C ALA A 459 -14.29 18.53 -22.11
N GLN A 460 -14.00 17.62 -23.04
CA GLN A 460 -14.34 16.22 -22.85
C GLN A 460 -13.56 15.64 -21.68
N ARG A 461 -12.23 15.70 -21.75
CA ARG A 461 -11.43 15.18 -20.65
C ARG A 461 -11.81 15.82 -19.29
N TYR A 462 -12.19 17.09 -19.33
CA TYR A 462 -12.57 17.77 -18.10
C TYR A 462 -13.79 17.09 -17.49
N ALA A 463 -14.88 17.05 -18.26
CA ALA A 463 -16.10 16.39 -17.84
C ALA A 463 -15.81 14.96 -17.38
N ALA A 464 -14.88 14.30 -18.06
CA ALA A 464 -14.52 12.94 -17.72
C ALA A 464 -13.91 12.80 -16.33
N TYR A 465 -13.05 13.74 -15.95
CA TYR A 465 -12.38 13.67 -14.67
C TYR A 465 -13.30 14.04 -13.51
N GLN A 466 -14.41 14.67 -13.82
CA GLN A 466 -15.24 15.31 -12.81
C GLN A 466 -15.82 14.40 -11.76
N PRO A 467 -16.28 13.24 -12.17
CA PRO A 467 -16.79 12.25 -11.24
C PRO A 467 -15.66 11.56 -10.53
N ARG A 468 -14.49 11.59 -11.14
CA ARG A 468 -13.34 10.95 -10.56
C ARG A 468 -12.72 11.80 -9.46
N ARG A 469 -12.74 13.11 -9.66
CA ARG A 469 -12.42 14.02 -8.59
C ARG A 469 -13.33 13.86 -7.39
N GLU A 470 -14.62 13.74 -7.64
CA GLU A 470 -15.59 13.58 -6.58
C GLU A 470 -15.34 12.32 -5.79
N THR A 471 -14.95 11.24 -6.47
CA THR A 471 -14.64 9.99 -5.81
C THR A 471 -13.32 10.05 -5.06
N PHE A 472 -12.39 10.85 -5.56
CA PHE A 472 -11.11 11.07 -4.90
C PHE A 472 -11.29 11.79 -3.59
N ARG A 473 -12.26 12.70 -3.56
CA ARG A 473 -12.52 13.50 -2.38
C ARG A 473 -13.16 12.68 -1.28
N ARG A 474 -14.18 11.92 -1.63
CA ARG A 474 -14.77 10.97 -0.70
C ARG A 474 -13.78 9.98 -0.14
N LEU A 475 -13.02 9.36 -0.98
CA LEU A 475 -12.05 8.44 -0.55
C LEU A 475 -11.01 9.09 0.29
N TYR A 476 -10.62 10.30 -0.05
CA TYR A 476 -9.62 11.03 0.70
C TYR A 476 -10.09 11.39 2.07
N GLN A 477 -11.33 11.83 2.19
CA GLN A 477 -11.90 12.18 3.46
C GLN A 477 -12.20 10.98 4.30
N GLN A 478 -12.30 9.82 3.68
CA GLN A 478 -12.58 8.61 4.39
C GLN A 478 -11.35 8.03 5.02
N LEU A 479 -10.17 8.28 4.49
CA LEU A 479 -8.96 7.78 5.11
C LEU A 479 -8.24 8.82 5.91
N LEU A 480 -8.67 10.04 5.77
CA LEU A 480 -8.11 11.14 6.43
C LEU A 480 -7.82 10.84 7.84
N PRO A 481 -8.73 10.14 8.49
CA PRO A 481 -8.56 9.81 9.88
C PRO A 481 -7.48 8.88 10.14
N LEU A 482 -7.33 7.92 9.27
CA LEU A 482 -6.31 6.96 9.45
C LEU A 482 -5.02 7.60 9.18
N MET A 483 -5.05 8.89 8.92
CA MET A 483 -3.87 9.62 8.62
C MET A 483 -3.16 10.29 9.75
N ALA A 484 -3.83 11.36 10.49
CA ALA A 484 -3.00 12.01 11.50
C ALA A 484 -3.85 12.57 12.62
N MET B 1 5.67 -54.70 -3.03
CA MET B 1 5.32 -53.61 -4.00
C MET B 1 3.90 -53.13 -3.76
N TYR B 2 3.63 -51.84 -3.98
CA TYR B 2 2.28 -51.31 -3.76
C TYR B 2 1.87 -50.30 -4.84
N ILE B 3 0.57 -50.21 -5.11
CA ILE B 3 0.05 -49.27 -6.08
C ILE B 3 -0.70 -48.14 -5.40
N GLY B 4 -0.57 -46.93 -5.94
CA GLY B 4 -1.26 -45.78 -5.38
C GLY B 4 -1.90 -45.00 -6.53
N ILE B 5 -3.20 -44.81 -6.48
CA ILE B 5 -3.93 -44.10 -7.53
C ILE B 5 -4.51 -42.79 -7.00
N ASP B 6 -4.37 -41.73 -7.79
CA ASP B 6 -4.91 -40.44 -7.42
C ASP B 6 -5.77 -39.90 -8.57
N LEU B 7 -7.05 -39.74 -8.30
CA LEU B 7 -7.96 -39.22 -9.32
C LEU B 7 -8.02 -37.71 -9.15
N GLY B 8 -7.12 -37.00 -9.82
CA GLY B 8 -7.10 -35.56 -9.73
C GLY B 8 -8.13 -34.96 -10.67
N THR B 9 -8.01 -33.67 -10.95
CA THR B 9 -8.95 -33.01 -11.84
C THR B 9 -8.32 -32.88 -13.22
N SER B 10 -7.02 -32.64 -13.26
CA SER B 10 -6.30 -32.51 -14.53
C SER B 10 -6.05 -33.87 -15.12
N GLY B 11 -6.00 -34.89 -14.25
CA GLY B 11 -5.77 -36.23 -14.70
C GLY B 11 -5.58 -37.22 -13.56
N VAL B 12 -5.17 -38.43 -13.89
CA VAL B 12 -4.93 -39.44 -12.87
C VAL B 12 -3.47 -39.84 -12.87
N LYS B 13 -2.93 -39.99 -11.67
CA LYS B 13 -1.55 -40.38 -11.48
C LYS B 13 -1.56 -41.70 -10.73
N VAL B 14 -0.78 -42.65 -11.22
CA VAL B 14 -0.70 -43.94 -10.58
C VAL B 14 0.76 -44.21 -10.28
N ILE B 15 1.05 -44.65 -9.05
CA ILE B 15 2.44 -44.91 -8.66
C ILE B 15 2.68 -46.33 -8.15
N LEU B 16 3.96 -46.73 -8.17
CA LEU B 16 4.40 -48.04 -7.73
C LEU B 16 5.44 -47.88 -6.60
N LEU B 17 5.10 -48.30 -5.39
CA LEU B 17 6.02 -48.21 -4.26
C LEU B 17 6.77 -49.52 -4.05
N ASN B 18 8.08 -49.44 -3.86
CA ASN B 18 8.84 -50.65 -3.61
C ASN B 18 8.62 -51.01 -2.15
N GLU B 19 8.98 -52.23 -1.79
CA GLU B 19 8.80 -52.73 -0.44
C GLU B 19 9.24 -51.79 0.69
N GLN B 20 10.12 -50.82 0.39
CA GLN B 20 10.58 -49.90 1.45
C GLN B 20 10.10 -48.46 1.33
N GLY B 21 8.93 -48.27 0.74
CA GLY B 21 8.36 -46.94 0.62
C GLY B 21 8.88 -45.99 -0.44
N GLU B 22 9.73 -46.47 -1.34
CA GLU B 22 10.27 -45.61 -2.38
C GLU B 22 9.43 -45.75 -3.67
N VAL B 23 9.39 -44.69 -4.46
CA VAL B 23 8.62 -44.66 -5.70
C VAL B 23 9.44 -45.18 -6.87
N VAL B 24 9.12 -46.38 -7.30
CA VAL B 24 9.81 -46.98 -8.37
C VAL B 24 9.31 -46.55 -9.73
N ALA B 25 8.03 -46.26 -9.88
CA ALA B 25 7.48 -45.84 -11.14
C ALA B 25 6.29 -44.93 -11.03
N ALA B 26 5.94 -44.23 -12.11
CA ALA B 26 4.81 -43.30 -12.16
C ALA B 26 4.22 -43.13 -13.55
N GLN B 27 2.93 -42.86 -13.60
CA GLN B 27 2.21 -42.69 -14.84
C GLN B 27 1.10 -41.71 -14.66
N THR B 28 0.97 -40.80 -15.60
CA THR B 28 -0.03 -39.77 -15.55
C THR B 28 -0.80 -39.75 -16.83
N GLU B 29 -2.11 -39.58 -16.74
CA GLU B 29 -2.98 -39.51 -17.91
C GLU B 29 -3.91 -38.31 -17.83
N LYS B 30 -3.76 -37.38 -18.77
CA LYS B 30 -4.57 -36.17 -18.79
C LYS B 30 -6.08 -36.40 -18.78
N LEU B 31 -6.78 -35.42 -18.23
CA LEU B 31 -8.24 -35.46 -18.09
C LEU B 31 -8.80 -34.06 -18.39
N THR B 32 -9.79 -33.98 -19.26
CA THR B 32 -10.37 -32.68 -19.58
C THR B 32 -11.64 -32.45 -18.76
N VAL B 33 -12.06 -31.19 -18.70
CA VAL B 33 -13.26 -30.79 -17.96
C VAL B 33 -14.31 -30.33 -18.97
N SER B 34 -15.57 -30.41 -18.59
CA SER B 34 -16.66 -29.98 -19.45
C SER B 34 -17.45 -28.87 -18.77
N ARG B 35 -17.57 -27.72 -19.43
CA ARG B 35 -18.32 -26.59 -18.86
C ARG B 35 -19.51 -26.25 -19.76
N PRO B 36 -20.61 -27.01 -19.62
CA PRO B 36 -21.84 -26.83 -20.40
C PRO B 36 -22.54 -25.47 -20.26
N HIS B 37 -22.40 -24.86 -19.09
CA HIS B 37 -23.01 -23.56 -18.82
C HIS B 37 -22.12 -22.83 -17.83
N PRO B 38 -22.37 -21.53 -17.64
CA PRO B 38 -21.56 -20.77 -16.68
C PRO B 38 -21.72 -21.40 -15.30
N LEU B 39 -20.60 -21.54 -14.58
CA LEU B 39 -20.59 -22.12 -13.22
C LEU B 39 -20.61 -23.65 -13.16
N TRP B 40 -20.80 -24.29 -14.31
CA TRP B 40 -20.82 -25.75 -14.41
C TRP B 40 -19.44 -26.32 -14.65
N SER B 41 -19.16 -27.43 -13.97
CA SER B 41 -17.88 -28.10 -14.09
C SER B 41 -18.18 -29.59 -13.98
N GLU B 42 -18.19 -30.27 -15.13
CA GLU B 42 -18.51 -31.70 -15.13
C GLU B 42 -17.46 -32.58 -15.77
N GLN B 43 -17.55 -33.86 -15.46
CA GLN B 43 -16.64 -34.85 -16.03
C GLN B 43 -17.39 -36.14 -16.24
N ASP B 44 -16.98 -36.85 -17.28
CA ASP B 44 -17.59 -38.11 -17.62
C ASP B 44 -16.89 -39.20 -16.81
N PRO B 45 -17.64 -39.87 -15.90
CA PRO B 45 -17.10 -40.94 -15.05
C PRO B 45 -16.34 -42.03 -15.81
N GLU B 46 -16.80 -42.30 -17.03
CA GLU B 46 -16.21 -43.30 -17.91
C GLU B 46 -14.86 -42.78 -18.44
N GLN B 47 -14.62 -41.47 -18.28
CA GLN B 47 -13.37 -40.89 -18.72
C GLN B 47 -12.37 -41.06 -17.57
N TRP B 48 -12.88 -41.08 -16.34
CA TRP B 48 -12.01 -41.27 -15.18
C TRP B 48 -11.45 -42.67 -15.27
N TRP B 49 -12.35 -43.62 -15.51
CA TRP B 49 -12.00 -45.03 -15.63
C TRP B 49 -11.03 -45.30 -16.77
N GLN B 50 -11.37 -44.82 -17.96
CA GLN B 50 -10.51 -44.99 -19.12
C GLN B 50 -9.12 -44.44 -18.88
N ALA B 51 -9.05 -43.31 -18.18
CA ALA B 51 -7.75 -42.69 -17.88
C ALA B 51 -7.00 -43.57 -16.88
N THR B 52 -7.71 -44.01 -15.85
CA THR B 52 -7.09 -44.85 -14.85
C THR B 52 -6.56 -46.11 -15.52
N ASP B 53 -7.45 -46.81 -16.21
CA ASP B 53 -7.11 -48.06 -16.91
C ASP B 53 -5.95 -47.92 -17.91
N ARG B 54 -5.77 -46.72 -18.47
CA ARG B 54 -4.67 -46.50 -19.41
C ARG B 54 -3.40 -46.32 -18.60
N ALA B 55 -3.53 -45.54 -17.54
CA ALA B 55 -2.41 -45.27 -16.66
C ALA B 55 -1.85 -46.57 -16.13
N MET B 56 -2.73 -47.41 -15.57
CA MET B 56 -2.30 -48.69 -15.02
C MET B 56 -1.59 -49.54 -16.06
N LYS B 57 -2.25 -49.78 -17.20
CA LYS B 57 -1.67 -50.58 -18.27
C LYS B 57 -0.38 -49.97 -18.80
N ALA B 58 -0.22 -48.67 -18.61
CA ALA B 58 0.98 -47.99 -19.06
C ALA B 58 2.08 -48.23 -18.02
N LEU B 59 1.67 -48.34 -16.76
CA LEU B 59 2.58 -48.55 -15.64
C LEU B 59 3.12 -49.97 -15.63
N GLY B 60 2.20 -50.94 -15.70
CA GLY B 60 2.62 -52.32 -15.70
C GLY B 60 3.41 -52.68 -16.94
N ASP B 61 3.23 -51.91 -18.00
CA ASP B 61 3.95 -52.19 -19.23
C ASP B 61 5.42 -51.87 -18.99
N GLN B 62 5.68 -50.83 -18.19
CA GLN B 62 7.03 -50.43 -17.85
C GLN B 62 7.64 -51.47 -16.92
N HIS B 63 6.92 -51.78 -15.83
CA HIS B 63 7.34 -52.79 -14.86
C HIS B 63 6.13 -53.61 -14.47
N SER B 64 6.30 -54.92 -14.44
CA SER B 64 5.22 -55.84 -14.09
C SER B 64 4.70 -55.67 -12.68
N LEU B 65 3.39 -55.49 -12.56
CA LEU B 65 2.75 -55.30 -11.25
C LEU B 65 2.40 -56.64 -10.60
N GLN B 66 3.09 -57.69 -11.05
CA GLN B 66 2.85 -59.02 -10.54
C GLN B 66 3.26 -59.20 -9.08
N ASP B 67 3.80 -58.16 -8.47
CA ASP B 67 4.21 -58.29 -7.07
C ASP B 67 3.51 -57.31 -6.15
N VAL B 68 2.66 -56.46 -6.71
CA VAL B 68 1.92 -55.51 -5.91
C VAL B 68 1.05 -56.29 -4.93
N LYS B 69 1.10 -55.91 -3.64
CA LYS B 69 0.34 -56.58 -2.60
C LYS B 69 -0.98 -55.92 -2.24
N ALA B 70 -1.05 -54.60 -2.42
CA ALA B 70 -2.25 -53.84 -2.09
C ALA B 70 -2.31 -52.58 -2.92
N LEU B 71 -3.51 -52.03 -3.05
CA LEU B 71 -3.72 -50.82 -3.83
C LEU B 71 -4.63 -49.84 -3.10
N GLY B 72 -4.27 -48.56 -3.20
CA GLY B 72 -5.04 -47.51 -2.56
C GLY B 72 -5.39 -46.43 -3.58
N ILE B 73 -6.48 -45.70 -3.34
CA ILE B 73 -6.90 -44.62 -4.23
C ILE B 73 -7.18 -43.34 -3.44
N ALA B 74 -7.02 -42.20 -4.11
CA ALA B 74 -7.29 -40.90 -3.50
C ALA B 74 -7.88 -40.12 -4.64
N GLY B 75 -8.73 -39.13 -4.35
CA GLY B 75 -9.31 -38.38 -5.44
C GLY B 75 -9.85 -37.01 -5.10
N GLN B 76 -10.16 -36.27 -6.15
CA GLN B 76 -10.84 -35.01 -6.02
C GLN B 76 -12.09 -35.16 -5.21
N MET B 77 -12.19 -34.33 -4.19
CA MET B 77 -13.26 -34.39 -3.22
C MET B 77 -14.54 -33.81 -3.77
N HIS B 78 -15.65 -34.19 -3.17
CA HIS B 78 -16.94 -33.54 -3.35
C HIS B 78 -17.72 -33.75 -4.64
N GLY B 79 -17.16 -34.51 -5.57
CA GLY B 79 -17.80 -34.71 -6.85
C GLY B 79 -18.94 -35.69 -6.73
N ALA B 80 -20.09 -35.33 -7.26
CA ALA B 80 -21.25 -36.22 -7.17
C ALA B 80 -21.36 -37.09 -8.43
N THR B 81 -21.44 -38.41 -8.22
CA THR B 81 -21.56 -39.36 -9.33
C THR B 81 -22.82 -40.20 -9.14
N LEU B 82 -23.85 -39.90 -9.92
CA LEU B 82 -25.14 -40.59 -9.82
C LEU B 82 -25.21 -41.85 -10.70
N LEU B 83 -25.37 -43.00 -10.06
CA LEU B 83 -25.46 -44.28 -10.74
C LEU B 83 -26.84 -44.93 -10.61
N ASP B 84 -27.28 -45.62 -11.66
CA ASP B 84 -28.59 -46.29 -11.61
C ASP B 84 -28.44 -47.67 -10.96
N ALA B 85 -29.56 -48.33 -10.74
CA ALA B 85 -29.58 -49.65 -10.11
C ALA B 85 -28.62 -50.67 -10.76
N GLN B 86 -28.24 -50.43 -12.00
CA GLN B 86 -27.34 -51.34 -12.70
C GLN B 86 -25.94 -50.74 -12.82
N GLN B 87 -25.59 -49.92 -11.84
CA GLN B 87 -24.28 -49.25 -11.79
C GLN B 87 -23.99 -48.34 -13.00
N ARG B 88 -25.00 -48.03 -13.80
CA ARG B 88 -24.78 -47.15 -14.94
C ARG B 88 -24.86 -45.69 -14.53
N VAL B 89 -24.02 -44.87 -15.15
CA VAL B 89 -23.92 -43.43 -14.87
C VAL B 89 -25.08 -42.57 -15.41
N LEU B 90 -26.02 -42.14 -14.55
CA LEU B 90 -27.16 -41.30 -14.97
C LEU B 90 -26.80 -40.01 -15.75
N ARG B 91 -26.09 -39.10 -15.10
CA ARG B 91 -25.67 -37.84 -15.75
C ARG B 91 -24.18 -37.67 -15.48
N PRO B 92 -23.54 -36.65 -16.08
CA PRO B 92 -22.10 -36.46 -15.83
C PRO B 92 -21.88 -36.15 -14.35
N ALA B 93 -20.62 -36.16 -13.90
CA ALA B 93 -20.33 -35.87 -12.50
C ALA B 93 -20.27 -34.37 -12.28
N ILE B 94 -20.83 -33.91 -11.17
CA ILE B 94 -20.81 -32.50 -10.82
C ILE B 94 -19.65 -32.33 -9.83
N LEU B 95 -18.59 -31.69 -10.30
CA LEU B 95 -17.35 -31.51 -9.54
C LEU B 95 -17.29 -30.51 -8.38
N TRP B 96 -16.23 -30.64 -7.59
CA TRP B 96 -15.97 -29.79 -6.42
C TRP B 96 -16.01 -28.29 -6.75
N ASN B 97 -15.64 -27.93 -7.98
CA ASN B 97 -15.62 -26.53 -8.40
C ASN B 97 -16.87 -26.08 -9.17
N ASP B 98 -17.91 -26.92 -9.18
CA ASP B 98 -19.17 -26.59 -9.84
C ASP B 98 -19.93 -25.71 -8.87
N GLY B 99 -20.40 -24.55 -9.31
CA GLY B 99 -21.12 -23.69 -8.39
C GLY B 99 -22.55 -23.34 -8.75
N ARG B 100 -23.27 -24.29 -9.34
CA ARG B 100 -24.65 -24.09 -9.79
C ARG B 100 -25.73 -24.21 -8.71
N CYS B 101 -25.45 -24.89 -7.63
CA CYS B 101 -26.42 -25.11 -6.59
C CYS B 101 -26.38 -24.28 -5.32
N ALA B 102 -25.96 -23.06 -5.44
CA ALA B 102 -25.88 -22.17 -4.34
C ALA B 102 -27.17 -22.00 -3.65
N GLN B 103 -28.22 -22.12 -4.38
CA GLN B 103 -29.50 -21.90 -3.79
C GLN B 103 -30.00 -23.09 -3.04
N GLU B 104 -29.50 -24.23 -3.38
CA GLU B 104 -29.89 -25.44 -2.77
C GLU B 104 -29.14 -25.55 -1.47
N CYS B 105 -28.17 -24.70 -1.30
CA CYS B 105 -27.36 -24.64 -0.13
C CYS B 105 -28.05 -23.97 1.03
N THR B 106 -28.88 -23.02 0.69
CA THR B 106 -29.66 -22.26 1.60
C THR B 106 -30.80 -23.10 2.04
N LEU B 107 -31.36 -23.83 1.10
CA LEU B 107 -32.48 -24.68 1.33
C LEU B 107 -32.16 -25.77 2.33
N LEU B 108 -31.03 -26.42 2.16
CA LEU B 108 -30.58 -27.50 2.97
C LEU B 108 -30.30 -27.06 4.34
N GLU B 109 -29.75 -25.89 4.45
CA GLU B 109 -29.40 -25.37 5.73
C GLU B 109 -30.60 -24.89 6.47
N ALA B 110 -31.66 -24.61 5.75
CA ALA B 110 -32.89 -24.19 6.37
C ALA B 110 -33.64 -25.41 6.75
N ARG B 111 -33.29 -26.52 6.15
CA ARG B 111 -33.94 -27.76 6.42
C ARG B 111 -33.41 -28.50 7.61
N VAL B 112 -32.18 -28.18 7.97
CA VAL B 112 -31.48 -28.78 9.06
C VAL B 112 -30.73 -27.69 9.64
N PRO B 113 -31.32 -27.02 10.61
CA PRO B 113 -30.66 -25.93 11.30
C PRO B 113 -29.35 -26.37 11.89
N GLN B 114 -29.32 -27.60 12.33
CA GLN B 114 -28.13 -28.13 12.92
C GLN B 114 -27.24 -28.76 11.89
N SER B 115 -27.05 -28.12 10.76
CA SER B 115 -26.24 -28.66 9.69
C SER B 115 -24.79 -28.40 9.87
N ARG B 116 -24.47 -27.21 10.33
CA ARG B 116 -23.10 -26.83 10.55
C ARG B 116 -22.54 -27.52 11.75
N VAL B 117 -23.39 -27.91 12.67
CA VAL B 117 -22.90 -28.61 13.83
C VAL B 117 -22.55 -30.01 13.45
N ILE B 118 -23.39 -30.63 12.65
CA ILE B 118 -23.20 -31.98 12.19
C ILE B 118 -22.02 -32.21 11.26
N THR B 119 -21.95 -31.44 10.19
CA THR B 119 -20.88 -31.57 9.25
C THR B 119 -19.66 -30.81 9.67
N GLY B 120 -19.85 -29.83 10.52
CA GLY B 120 -18.76 -29.02 10.98
C GLY B 120 -18.41 -28.01 9.94
N ASN B 121 -19.22 -27.89 8.93
CA ASN B 121 -18.93 -26.94 7.86
C ASN B 121 -20.09 -26.11 7.40
N LEU B 122 -19.76 -25.08 6.63
CA LEU B 122 -20.75 -24.19 6.08
C LEU B 122 -21.13 -24.84 4.74
N MET B 123 -22.41 -24.84 4.41
CA MET B 123 -22.86 -25.47 3.18
C MET B 123 -22.44 -24.77 1.90
N MET B 124 -21.42 -25.29 1.23
CA MET B 124 -20.95 -24.69 -0.02
C MET B 124 -21.33 -25.50 -1.27
N PRO B 125 -21.54 -24.81 -2.39
CA PRO B 125 -21.91 -25.32 -3.72
C PRO B 125 -21.09 -26.49 -4.25
N GLY B 126 -19.82 -26.54 -3.85
CA GLY B 126 -18.94 -27.60 -4.30
C GLY B 126 -19.22 -28.88 -3.54
N PHE B 127 -19.82 -28.74 -2.37
CA PHE B 127 -20.15 -29.90 -1.57
C PHE B 127 -21.19 -30.77 -2.28
N THR B 128 -21.08 -32.07 -2.05
CA THR B 128 -21.93 -33.07 -2.69
C THR B 128 -23.43 -33.01 -2.39
N ALA B 129 -23.78 -32.91 -1.12
CA ALA B 129 -25.17 -32.87 -0.69
C ALA B 129 -26.10 -31.93 -1.47
N PRO B 130 -25.78 -30.62 -1.52
CA PRO B 130 -26.66 -29.69 -2.25
C PRO B 130 -26.80 -29.91 -3.76
N LYS B 131 -25.87 -30.65 -4.35
CA LYS B 131 -25.94 -30.89 -5.79
C LYS B 131 -27.11 -31.82 -6.10
N LEU B 132 -27.27 -32.85 -5.26
CA LEU B 132 -28.35 -33.79 -5.46
C LEU B 132 -29.69 -33.12 -5.22
N LEU B 133 -29.71 -32.11 -4.36
CA LEU B 133 -30.92 -31.37 -4.11
C LEU B 133 -31.25 -30.65 -5.41
N TRP B 134 -30.21 -30.27 -6.14
CA TRP B 134 -30.35 -29.56 -7.41
C TRP B 134 -30.87 -30.50 -8.51
N VAL B 135 -30.25 -31.67 -8.62
CA VAL B 135 -30.64 -32.65 -9.62
C VAL B 135 -32.12 -33.02 -9.42
N GLN B 136 -32.54 -33.15 -8.18
CA GLN B 136 -33.92 -33.48 -7.90
C GLN B 136 -34.87 -32.43 -8.46
N ARG B 137 -34.50 -31.17 -8.28
CA ARG B 137 -35.30 -30.05 -8.74
C ARG B 137 -35.21 -29.77 -10.25
N HIS B 138 -34.05 -30.00 -10.86
CA HIS B 138 -33.87 -29.72 -12.28
C HIS B 138 -33.93 -30.92 -13.22
N GLU B 139 -33.69 -32.12 -12.69
CA GLU B 139 -33.73 -33.34 -13.50
C GLU B 139 -34.43 -34.44 -12.70
N PRO B 140 -35.68 -34.22 -12.29
CA PRO B 140 -36.44 -35.19 -11.52
C PRO B 140 -36.35 -36.62 -12.05
N GLU B 141 -36.45 -36.76 -13.36
CA GLU B 141 -36.38 -38.07 -13.99
C GLU B 141 -35.07 -38.80 -13.71
N ILE B 142 -33.96 -38.07 -13.64
CA ILE B 142 -32.69 -38.72 -13.36
C ILE B 142 -32.61 -39.03 -11.87
N PHE B 143 -33.14 -38.13 -11.04
CA PHE B 143 -33.11 -38.32 -9.60
C PHE B 143 -33.87 -39.57 -9.17
N ARG B 144 -35.00 -39.81 -9.83
CA ARG B 144 -35.84 -40.96 -9.55
C ARG B 144 -35.08 -42.29 -9.76
N GLN B 145 -34.18 -42.31 -10.74
CA GLN B 145 -33.38 -43.48 -11.09
C GLN B 145 -32.15 -43.72 -10.19
N ILE B 146 -31.93 -42.87 -9.20
CA ILE B 146 -30.76 -43.01 -8.34
C ILE B 146 -30.76 -44.25 -7.45
N ASP B 147 -29.69 -45.02 -7.54
CA ASP B 147 -29.55 -46.19 -6.69
C ASP B 147 -28.40 -45.97 -5.74
N LYS B 148 -27.34 -45.36 -6.26
CA LYS B 148 -26.14 -45.11 -5.47
C LYS B 148 -25.48 -43.77 -5.85
N VAL B 149 -24.98 -43.04 -4.83
CA VAL B 149 -24.28 -41.77 -5.07
C VAL B 149 -22.83 -41.97 -4.61
N LEU B 150 -21.89 -41.94 -5.54
CA LEU B 150 -20.48 -42.12 -5.22
C LEU B 150 -19.58 -40.92 -5.54
N LEU B 151 -18.52 -40.77 -4.75
CA LEU B 151 -17.55 -39.70 -4.96
C LEU B 151 -16.64 -40.22 -6.08
N PRO B 152 -15.91 -39.33 -6.76
CA PRO B 152 -15.03 -39.73 -7.86
C PRO B 152 -14.14 -40.93 -7.56
N LYS B 153 -13.28 -40.77 -6.56
CA LYS B 153 -12.36 -41.83 -6.16
C LYS B 153 -13.08 -43.16 -5.95
N ASP B 154 -14.22 -43.12 -5.28
CA ASP B 154 -15.01 -44.32 -5.00
C ASP B 154 -15.68 -44.93 -6.23
N TYR B 155 -16.05 -44.10 -7.21
CA TYR B 155 -16.66 -44.62 -8.42
C TYR B 155 -15.63 -45.52 -9.10
N LEU B 156 -14.37 -45.10 -8.97
CA LEU B 156 -13.24 -45.81 -9.52
C LEU B 156 -13.05 -47.16 -8.81
N ARG B 157 -13.37 -47.19 -7.52
CA ARG B 157 -13.25 -48.41 -6.73
C ARG B 157 -14.26 -49.41 -7.27
N LEU B 158 -15.47 -48.91 -7.55
CA LEU B 158 -16.56 -49.73 -8.08
C LEU B 158 -16.11 -50.43 -9.36
N ARG B 159 -15.48 -49.69 -10.25
CA ARG B 159 -15.02 -50.26 -11.50
C ARG B 159 -13.91 -51.30 -11.27
N MET B 160 -13.17 -51.19 -10.18
CA MET B 160 -12.06 -52.11 -9.94
C MET B 160 -12.41 -53.34 -9.10
N THR B 161 -13.41 -53.19 -8.24
CA THR B 161 -13.75 -54.27 -7.33
C THR B 161 -15.21 -54.66 -7.30
N GLY B 162 -16.07 -53.81 -7.86
CA GLY B 162 -17.49 -54.08 -7.85
C GLY B 162 -18.09 -53.74 -6.50
N GLU B 163 -17.30 -53.15 -5.60
CA GLU B 163 -17.79 -52.78 -4.26
C GLU B 163 -18.25 -51.32 -4.16
N PHE B 164 -19.03 -51.00 -3.11
CA PHE B 164 -19.52 -49.64 -2.89
C PHE B 164 -18.98 -49.13 -1.56
N ALA B 165 -17.80 -48.52 -1.59
CA ALA B 165 -17.18 -48.03 -0.36
C ALA B 165 -16.53 -46.67 -0.50
N SER B 166 -16.34 -46.04 0.66
CA SER B 166 -15.71 -44.74 0.75
C SER B 166 -14.92 -44.69 2.05
N ASP B 167 -14.16 -43.63 2.24
CA ASP B 167 -13.39 -43.49 3.49
C ASP B 167 -13.97 -42.25 4.19
N MET B 168 -13.71 -42.16 5.49
CA MET B 168 -14.21 -41.06 6.28
C MET B 168 -13.81 -39.68 5.77
N SER B 169 -12.58 -39.54 5.31
CA SER B 169 -12.12 -38.24 4.85
C SER B 169 -12.95 -37.77 3.68
N ASP B 170 -13.09 -38.62 2.67
CA ASP B 170 -13.85 -38.23 1.49
C ASP B 170 -15.34 -38.14 1.80
N ALA B 171 -15.85 -39.08 2.60
CA ALA B 171 -17.27 -39.10 2.96
C ALA B 171 -17.69 -37.79 3.64
N ALA B 172 -16.91 -37.37 4.63
CA ALA B 172 -17.20 -36.13 5.36
C ALA B 172 -17.36 -34.96 4.39
N GLY B 173 -16.67 -35.04 3.25
CA GLY B 173 -16.74 -33.97 2.28
C GLY B 173 -18.06 -33.91 1.52
N THR B 174 -18.98 -34.80 1.84
CA THR B 174 -20.29 -34.84 1.14
C THR B 174 -21.37 -34.04 1.86
N MET B 175 -21.14 -33.80 3.15
CA MET B 175 -22.08 -33.07 3.97
C MET B 175 -23.27 -33.95 4.34
N TRP B 176 -23.05 -35.26 4.29
CA TRP B 176 -24.05 -36.26 4.67
C TRP B 176 -23.48 -37.03 5.85
N LEU B 177 -22.18 -36.86 6.09
CA LEU B 177 -21.52 -37.55 7.20
C LEU B 177 -21.58 -36.78 8.51
N ASP B 178 -21.78 -37.50 9.61
CA ASP B 178 -21.78 -36.88 10.93
C ASP B 178 -20.31 -37.02 11.28
N VAL B 179 -19.54 -36.01 10.93
CA VAL B 179 -18.10 -36.00 11.16
C VAL B 179 -17.67 -36.52 12.53
N ALA B 180 -18.38 -36.12 13.58
CA ALA B 180 -18.02 -36.59 14.92
C ALA B 180 -18.13 -38.10 15.03
N LYS B 181 -19.34 -38.63 14.79
CA LYS B 181 -19.60 -40.05 14.89
C LYS B 181 -18.96 -40.89 13.77
N ARG B 182 -18.46 -40.22 12.73
CA ARG B 182 -17.87 -40.91 11.59
C ARG B 182 -18.86 -41.94 11.08
N ASP B 183 -20.04 -41.46 10.73
CA ASP B 183 -21.09 -42.32 10.22
C ASP B 183 -22.10 -41.44 9.47
N TRP B 184 -22.89 -42.04 8.59
CA TRP B 184 -23.87 -41.27 7.83
C TRP B 184 -24.84 -40.59 8.79
N SER B 185 -25.18 -39.34 8.51
CA SER B 185 -26.13 -38.60 9.32
C SER B 185 -27.49 -38.74 8.67
N ASP B 186 -28.41 -39.35 9.39
CA ASP B 186 -29.74 -39.56 8.84
C ASP B 186 -30.49 -38.28 8.58
N VAL B 187 -30.40 -37.34 9.50
CA VAL B 187 -31.08 -36.06 9.33
C VAL B 187 -30.66 -35.43 8.00
N MET B 188 -29.36 -35.45 7.73
CA MET B 188 -28.84 -34.87 6.50
C MET B 188 -29.38 -35.58 5.27
N LEU B 189 -29.19 -36.89 5.21
CA LEU B 189 -29.68 -37.64 4.06
C LEU B 189 -31.17 -37.35 3.87
N GLN B 190 -31.96 -37.61 4.89
CA GLN B 190 -33.40 -37.37 4.80
C GLN B 190 -33.78 -36.03 4.20
N ALA B 191 -33.06 -34.98 4.58
CA ALA B 191 -33.35 -33.65 4.06
C ALA B 191 -33.12 -33.55 2.55
N CYS B 192 -32.47 -34.57 1.98
CA CYS B 192 -32.18 -34.62 0.54
C CYS B 192 -32.93 -35.76 -0.15
N ASP B 193 -33.87 -36.37 0.56
CA ASP B 193 -34.64 -37.49 0.02
C ASP B 193 -33.73 -38.61 -0.41
N LEU B 194 -32.76 -38.92 0.44
CA LEU B 194 -31.80 -39.99 0.20
C LEU B 194 -31.68 -40.81 1.49
N SER B 195 -31.24 -42.07 1.36
CA SER B 195 -31.11 -42.95 2.52
C SER B 195 -29.83 -43.76 2.45
N ARG B 196 -29.40 -44.30 3.59
CA ARG B 196 -28.17 -45.08 3.64
C ARG B 196 -28.08 -46.07 2.48
N ASP B 197 -29.22 -46.58 2.02
CA ASP B 197 -29.24 -47.53 0.90
C ASP B 197 -28.56 -46.95 -0.33
N GLN B 198 -28.57 -45.63 -0.45
CA GLN B 198 -27.98 -44.96 -1.60
C GLN B 198 -26.55 -44.47 -1.38
N MET B 199 -26.05 -44.65 -0.15
CA MET B 199 -24.68 -44.26 0.19
C MET B 199 -23.81 -45.51 0.17
N PRO B 200 -22.49 -45.36 -0.07
CA PRO B 200 -21.59 -46.52 -0.08
C PRO B 200 -21.31 -46.89 1.36
N ALA B 201 -20.59 -47.97 1.60
CA ALA B 201 -20.27 -48.34 2.97
C ALA B 201 -19.04 -47.56 3.44
N LEU B 202 -19.00 -47.23 4.73
CA LEU B 202 -17.90 -46.47 5.30
C LEU B 202 -16.74 -47.27 5.85
N TYR B 203 -15.53 -46.86 5.48
CA TYR B 203 -14.32 -47.50 5.99
C TYR B 203 -13.29 -46.44 6.43
N GLU B 204 -12.35 -46.83 7.29
CA GLU B 204 -11.30 -45.92 7.69
C GLU B 204 -10.35 -46.07 6.52
N GLY B 205 -9.61 -44.99 6.20
CA GLY B 205 -8.69 -45.01 5.08
C GLY B 205 -7.78 -46.22 4.92
N SER B 206 -7.30 -46.75 6.04
CA SER B 206 -6.38 -47.88 5.99
C SER B 206 -7.07 -49.23 6.01
N GLU B 207 -8.40 -49.24 6.01
CA GLU B 207 -9.14 -50.51 6.00
C GLU B 207 -9.36 -51.05 4.60
N ILE B 208 -9.30 -52.37 4.44
CA ILE B 208 -9.52 -53.00 3.13
C ILE B 208 -11.01 -52.97 2.77
N THR B 209 -11.32 -52.61 1.52
CA THR B 209 -12.71 -52.52 1.09
C THR B 209 -13.13 -53.55 0.06
N GLY B 210 -12.19 -54.35 -0.41
CA GLY B 210 -12.52 -55.35 -1.41
C GLY B 210 -11.28 -55.72 -2.17
N ALA B 211 -11.43 -56.56 -3.20
CA ALA B 211 -10.29 -56.99 -4.00
C ALA B 211 -10.53 -56.59 -5.44
N LEU B 212 -9.52 -56.71 -6.27
CA LEU B 212 -9.66 -56.37 -7.68
C LEU B 212 -10.44 -57.46 -8.40
N LEU B 213 -11.41 -57.06 -9.20
CA LEU B 213 -12.19 -58.01 -9.98
C LEU B 213 -11.12 -58.77 -10.77
N PRO B 214 -11.26 -60.11 -10.89
CA PRO B 214 -10.30 -60.94 -11.61
C PRO B 214 -9.96 -60.39 -12.99
N GLU B 215 -10.99 -59.93 -13.70
CA GLU B 215 -10.82 -59.36 -15.02
C GLU B 215 -9.76 -58.27 -14.93
N VAL B 216 -10.07 -57.25 -14.13
CA VAL B 216 -9.21 -56.10 -13.93
C VAL B 216 -7.82 -56.56 -13.53
N ALA B 217 -7.77 -57.48 -12.58
CA ALA B 217 -6.52 -58.03 -12.12
C ALA B 217 -5.70 -58.50 -13.33
N LYS B 218 -6.37 -59.25 -14.22
CA LYS B 218 -5.70 -59.77 -15.41
C LYS B 218 -5.33 -58.66 -16.38
N ALA B 219 -6.24 -57.72 -16.59
CA ALA B 219 -5.97 -56.62 -17.50
C ALA B 219 -4.77 -55.79 -17.07
N TRP B 220 -4.43 -55.81 -15.79
CA TRP B 220 -3.30 -55.01 -15.30
C TRP B 220 -2.05 -55.78 -14.93
N GLY B 221 -2.07 -57.10 -15.13
CA GLY B 221 -0.91 -57.90 -14.80
C GLY B 221 -0.63 -58.04 -13.32
N MET B 222 -1.69 -58.20 -12.51
CA MET B 222 -1.52 -58.36 -11.08
C MET B 222 -2.59 -59.26 -10.47
N ALA B 223 -2.34 -59.71 -9.25
CA ALA B 223 -3.27 -60.60 -8.57
C ALA B 223 -4.53 -59.87 -8.10
N THR B 224 -5.47 -60.61 -7.50
CA THR B 224 -6.71 -60.05 -7.01
C THR B 224 -6.43 -59.35 -5.67
N VAL B 225 -5.47 -58.44 -5.78
CA VAL B 225 -4.97 -57.59 -4.70
C VAL B 225 -6.06 -56.85 -3.93
N PRO B 226 -5.92 -56.78 -2.61
CA PRO B 226 -6.93 -56.07 -1.81
C PRO B 226 -6.83 -54.55 -2.06
N VAL B 227 -7.95 -53.85 -1.94
CA VAL B 227 -8.01 -52.41 -2.18
C VAL B 227 -8.49 -51.64 -0.95
N VAL B 228 -7.63 -50.79 -0.40
CA VAL B 228 -7.98 -50.02 0.80
C VAL B 228 -8.93 -48.87 0.51
N ALA B 229 -9.54 -48.36 1.57
CA ALA B 229 -10.47 -47.24 1.48
C ALA B 229 -9.79 -46.03 0.86
N GLY B 230 -8.64 -45.64 1.41
CA GLY B 230 -7.89 -44.50 0.90
C GLY B 230 -8.36 -43.18 1.47
N GLY B 231 -8.25 -42.10 0.70
CA GLY B 231 -8.71 -40.81 1.19
C GLY B 231 -8.90 -39.77 0.12
N GLY B 232 -9.54 -38.66 0.48
CA GLY B 232 -9.69 -37.56 -0.46
C GLY B 232 -8.31 -36.92 -0.65
N ASP B 233 -8.07 -36.26 -1.78
CA ASP B 233 -6.76 -35.68 -2.05
C ASP B 233 -6.03 -35.00 -0.88
N ASN B 234 -6.68 -34.08 -0.16
CA ASN B 234 -6.00 -33.45 0.97
C ASN B 234 -5.50 -34.48 1.99
N ALA B 235 -6.41 -35.22 2.61
CA ALA B 235 -6.06 -36.22 3.62
C ALA B 235 -5.03 -37.26 3.17
N ALA B 236 -5.20 -37.80 1.97
CA ALA B 236 -4.28 -38.79 1.47
C ALA B 236 -2.98 -38.06 1.15
N GLY B 237 -3.11 -36.77 0.92
CA GLY B 237 -1.94 -35.92 0.65
C GLY B 237 -1.11 -35.85 1.91
N ALA B 238 -1.74 -35.51 3.03
CA ALA B 238 -1.00 -35.45 4.28
C ALA B 238 -0.45 -36.82 4.68
N VAL B 239 -1.24 -37.88 4.48
CA VAL B 239 -0.79 -39.22 4.84
C VAL B 239 0.55 -39.56 4.19
N GLY B 240 0.65 -39.31 2.89
CA GLY B 240 1.87 -39.62 2.18
C GLY B 240 3.02 -38.73 2.62
N VAL B 241 2.71 -37.60 3.22
CA VAL B 241 3.75 -36.69 3.66
C VAL B 241 4.00 -36.79 5.17
N GLY B 242 3.36 -37.77 5.81
CA GLY B 242 3.56 -37.98 7.23
C GLY B 242 2.79 -37.09 8.18
N MET B 243 1.89 -36.27 7.67
CA MET B 243 1.09 -35.38 8.52
C MET B 243 -0.09 -36.19 9.08
N VAL B 244 0.18 -36.93 10.16
CA VAL B 244 -0.82 -37.83 10.76
C VAL B 244 -1.30 -37.66 12.22
N ASP B 245 -0.36 -37.45 13.13
CA ASP B 245 -0.71 -37.34 14.55
C ASP B 245 -1.23 -35.99 14.98
N ALA B 246 -1.90 -35.95 16.13
CA ALA B 246 -2.47 -34.71 16.63
C ALA B 246 -1.48 -33.57 16.73
N ASN B 247 -2.01 -32.36 16.55
CA ASN B 247 -1.23 -31.15 16.63
C ASN B 247 -0.12 -31.06 15.61
N GLN B 248 -0.10 -31.96 14.64
CA GLN B 248 0.90 -31.87 13.58
C GLN B 248 0.23 -30.94 12.56
N ALA B 249 1.01 -30.07 11.94
CA ALA B 249 0.43 -29.15 10.98
C ALA B 249 1.43 -28.86 9.89
N MET B 250 0.92 -28.44 8.74
CA MET B 250 1.75 -28.09 7.60
C MET B 250 1.18 -26.91 6.88
N LEU B 251 2.06 -26.09 6.33
CA LEU B 251 1.65 -25.04 5.44
C LEU B 251 2.29 -25.28 4.09
N SER B 252 1.50 -25.10 3.04
CA SER B 252 2.01 -25.18 1.69
C SER B 252 1.92 -23.84 0.99
N LEU B 253 3.02 -23.41 0.40
CA LEU B 253 3.12 -22.10 -0.21
C LEU B 253 3.52 -22.24 -1.66
N GLY B 254 2.71 -21.68 -2.55
CA GLY B 254 1.63 -22.44 -3.17
C GLY B 254 1.15 -21.80 -4.46
N THR B 255 0.52 -22.61 -5.32
CA THR B 255 -0.70 -22.20 -5.99
C THR B 255 -1.93 -22.55 -5.16
N SER B 256 -1.74 -22.69 -3.84
CA SER B 256 -2.68 -22.17 -2.87
C SER B 256 -1.61 -22.31 -1.79
N GLY B 257 -1.57 -21.35 -0.88
CA GLY B 257 -1.29 -21.31 0.55
C GLY B 257 -2.36 -22.00 1.37
N VAL B 258 -2.16 -23.30 1.60
CA VAL B 258 -3.13 -24.09 2.36
C VAL B 258 -2.55 -24.55 3.69
N TYR B 259 -3.30 -24.33 4.78
CA TYR B 259 -2.89 -24.80 6.08
C TYR B 259 -3.73 -25.98 6.49
N PHE B 260 -3.06 -27.09 6.73
CA PHE B 260 -3.70 -28.34 7.08
C PHE B 260 -3.16 -28.79 8.43
N ALA B 261 -4.06 -29.11 9.34
CA ALA B 261 -3.63 -29.51 10.68
C ALA B 261 -4.44 -30.64 11.29
N VAL B 262 -3.72 -31.62 11.84
CA VAL B 262 -4.33 -32.76 12.48
C VAL B 262 -4.77 -32.35 13.88
N SER B 263 -6.04 -32.58 14.21
CA SER B 263 -6.54 -32.23 15.52
C SER B 263 -6.80 -33.46 16.39
N GLU B 264 -7.09 -33.20 17.67
CA GLU B 264 -7.39 -34.26 18.62
C GLU B 264 -8.91 -34.25 18.73
N GLY B 265 -9.56 -35.21 18.07
CA GLY B 265 -11.01 -35.23 18.10
C GLY B 265 -11.56 -34.20 17.13
N PHE B 266 -12.88 -34.14 16.99
CA PHE B 266 -13.54 -33.24 16.07
C PHE B 266 -13.65 -31.77 16.54
N LEU B 267 -13.00 -30.88 15.78
CA LEU B 267 -13.02 -29.44 16.05
C LEU B 267 -13.64 -28.77 14.81
N SER B 268 -14.16 -27.55 14.97
CA SER B 268 -14.77 -26.84 13.85
C SER B 268 -15.09 -25.38 14.15
N LYS B 269 -15.11 -24.58 13.09
CA LYS B 269 -15.43 -23.17 13.19
C LYS B 269 -16.06 -22.75 11.86
N PRO B 270 -17.30 -23.19 11.62
CA PRO B 270 -18.06 -22.91 10.39
C PRO B 270 -18.01 -21.48 9.85
N GLU B 271 -18.45 -20.51 10.65
CA GLU B 271 -18.47 -19.11 10.21
C GLU B 271 -17.12 -18.53 9.80
N SER B 272 -16.08 -19.36 9.78
CA SER B 272 -14.76 -18.88 9.38
C SER B 272 -14.30 -19.50 8.07
N ALA B 273 -13.04 -19.27 7.74
CA ALA B 273 -12.44 -19.81 6.52
C ALA B 273 -11.94 -21.21 6.82
N VAL B 274 -12.32 -21.72 7.99
CA VAL B 274 -11.88 -23.05 8.43
C VAL B 274 -12.80 -24.20 8.04
N HIS B 275 -12.21 -25.22 7.42
CA HIS B 275 -12.94 -26.42 7.00
C HIS B 275 -12.49 -27.58 7.89
N SER B 276 -13.47 -28.34 8.40
CA SER B 276 -13.20 -29.50 9.26
C SER B 276 -13.55 -30.84 8.58
N PHE B 277 -12.71 -31.86 8.80
CA PHE B 277 -12.93 -33.16 8.19
C PHE B 277 -12.31 -34.28 8.98
N CYS B 278 -12.65 -35.51 8.58
CA CYS B 278 -12.09 -36.69 9.20
C CYS B 278 -10.78 -36.91 8.47
N HIS B 279 -9.82 -37.53 9.11
CA HIS B 279 -8.56 -37.80 8.43
C HIS B 279 -8.69 -39.19 7.75
N ALA B 280 -7.66 -39.60 7.02
CA ALA B 280 -7.67 -40.88 6.32
C ALA B 280 -7.17 -42.02 7.18
N LEU B 281 -7.24 -41.84 8.49
CA LEU B 281 -6.78 -42.86 9.42
C LEU B 281 -7.78 -42.96 10.58
N PRO B 282 -7.83 -44.13 11.23
CA PRO B 282 -8.74 -44.33 12.36
C PRO B 282 -8.59 -43.27 13.46
N GLN B 283 -9.73 -42.91 14.05
CA GLN B 283 -9.77 -41.95 15.14
C GLN B 283 -8.91 -40.71 14.95
N ARG B 284 -8.88 -40.17 13.74
CA ARG B 284 -8.11 -38.97 13.47
C ARG B 284 -8.93 -37.97 12.64
N TRP B 285 -8.86 -36.71 13.00
CA TRP B 285 -9.57 -35.65 12.29
C TRP B 285 -8.59 -34.55 11.91
N HIS B 286 -9.01 -33.67 11.02
CA HIS B 286 -8.15 -32.56 10.61
C HIS B 286 -8.93 -31.32 10.26
N LEU B 287 -8.24 -30.20 10.26
CA LEU B 287 -8.86 -28.93 9.91
C LEU B 287 -7.93 -28.32 8.87
N MET B 288 -8.46 -27.42 8.07
CA MET B 288 -7.61 -26.77 7.08
C MET B 288 -8.22 -25.46 6.66
N SER B 289 -7.34 -24.53 6.29
CA SER B 289 -7.71 -23.23 5.79
C SER B 289 -6.90 -22.99 4.53
N VAL B 290 -7.56 -22.57 3.46
CA VAL B 290 -6.88 -21.97 2.32
C VAL B 290 -6.42 -20.57 2.63
N MET B 291 -5.29 -20.18 2.08
CA MET B 291 -4.84 -18.79 2.19
C MET B 291 -4.35 -18.27 0.86
N LEU B 292 -3.58 -17.20 0.90
CA LEU B 292 -2.84 -16.81 -0.28
C LEU B 292 -1.97 -17.97 -0.74
N SER B 293 -1.45 -17.90 -1.96
CA SER B 293 -1.63 -16.81 -2.90
C SER B 293 -0.46 -15.95 -2.52
N ALA B 294 0.57 -16.55 -2.04
CA ALA B 294 1.97 -16.16 -2.08
C ALA B 294 2.67 -16.94 -3.15
N ALA B 295 2.15 -16.87 -4.35
CA ALA B 295 2.99 -16.88 -5.53
C ALA B 295 2.51 -15.79 -6.44
N SER B 296 1.25 -15.87 -6.81
CA SER B 296 0.57 -14.73 -7.39
C SER B 296 0.96 -13.47 -6.63
N CYS B 297 0.63 -13.43 -5.36
CA CYS B 297 0.67 -12.16 -4.65
C CYS B 297 2.03 -11.51 -4.77
N LEU B 298 3.04 -12.31 -5.09
CA LEU B 298 4.41 -11.91 -4.89
C LEU B 298 5.06 -11.65 -6.22
N ASP B 299 4.57 -12.31 -7.25
CA ASP B 299 4.98 -11.95 -8.58
C ASP B 299 4.46 -10.57 -8.91
N TRP B 300 3.25 -10.30 -8.49
CA TRP B 300 2.61 -9.05 -8.80
C TRP B 300 3.45 -7.88 -8.32
N ALA B 301 3.97 -7.98 -7.12
CA ALA B 301 4.70 -6.88 -6.54
C ALA B 301 6.09 -6.82 -7.11
N ALA B 302 6.53 -7.92 -7.70
CA ALA B 302 7.84 -7.96 -8.32
C ALA B 302 7.82 -7.25 -9.66
N LYS B 303 6.71 -7.35 -10.36
CA LYS B 303 6.57 -6.59 -11.60
C LYS B 303 6.20 -5.14 -11.33
N LEU B 304 5.43 -4.94 -10.26
CA LEU B 304 4.98 -3.61 -9.89
C LEU B 304 6.15 -2.67 -9.69
N THR B 305 7.22 -3.18 -9.09
CA THR B 305 8.42 -2.39 -8.86
C THR B 305 9.48 -2.64 -9.92
N GLY B 306 9.04 -2.88 -11.15
CA GLY B 306 9.96 -3.10 -12.24
C GLY B 306 10.82 -4.35 -12.16
N LEU B 307 10.70 -5.10 -11.06
CA LEU B 307 11.46 -6.33 -10.88
C LEU B 307 10.66 -7.41 -11.63
N SER B 308 11.31 -8.51 -12.01
CA SER B 308 10.61 -9.57 -12.74
C SER B 308 10.65 -10.90 -11.99
N ASN B 309 11.69 -11.09 -11.18
CA ASN B 309 11.86 -12.31 -10.40
C ASN B 309 11.34 -12.08 -9.01
N VAL B 310 10.77 -13.10 -8.40
CA VAL B 310 10.34 -12.96 -7.03
C VAL B 310 11.64 -12.96 -6.23
N PRO B 311 12.65 -13.70 -6.71
CA PRO B 311 13.94 -13.72 -6.00
C PRO B 311 14.47 -12.31 -5.81
N ALA B 312 14.25 -11.48 -6.83
CA ALA B 312 14.68 -10.10 -6.81
C ALA B 312 14.06 -9.26 -5.69
N LEU B 313 12.73 -9.27 -5.56
CA LEU B 313 12.16 -8.45 -4.50
C LEU B 313 12.51 -8.99 -3.12
N ILE B 314 12.82 -10.28 -3.05
CA ILE B 314 13.23 -10.85 -1.77
C ILE B 314 14.60 -10.25 -1.46
N ALA B 315 15.44 -10.16 -2.49
CA ALA B 315 16.75 -9.58 -2.33
C ALA B 315 16.51 -8.10 -2.03
N ALA B 316 15.72 -7.45 -2.89
CA ALA B 316 15.39 -6.05 -2.73
C ALA B 316 14.82 -5.81 -1.34
N ALA B 317 13.80 -6.58 -1.00
CA ALA B 317 13.27 -6.56 0.35
C ALA B 317 14.34 -6.51 1.41
N GLN B 318 15.50 -7.07 1.08
CA GLN B 318 16.57 -7.22 2.03
C GLN B 318 17.40 -6.02 2.28
N GLN B 319 17.47 -5.12 1.33
CA GLN B 319 18.28 -3.97 1.49
C GLN B 319 17.43 -2.82 1.85
N ALA B 320 16.18 -3.08 2.08
CA ALA B 320 15.32 -2.01 2.45
C ALA B 320 16.16 -1.30 3.45
N ASP B 321 15.93 -0.01 3.64
CA ASP B 321 16.71 0.74 4.60
C ASP B 321 16.01 0.56 5.87
N GLU B 322 16.71 0.48 6.96
CA GLU B 322 16.03 0.30 8.19
C GLU B 322 15.50 1.65 8.45
N SER B 323 14.60 2.03 7.56
CA SER B 323 13.94 3.33 7.58
C SER B 323 12.61 3.19 8.11
N ALA B 324 12.32 2.04 8.64
CA ALA B 324 11.03 1.79 9.21
C ALA B 324 9.70 2.29 8.74
N GLU B 325 9.51 2.47 7.47
CA GLU B 325 8.65 3.49 7.05
C GLU B 325 7.76 3.61 8.25
N PRO B 326 7.04 2.55 8.56
CA PRO B 326 7.08 1.33 7.79
C PRO B 326 5.94 1.32 6.85
N VAL B 327 5.96 0.44 5.92
CA VAL B 327 5.12 0.32 4.74
C VAL B 327 3.70 -0.08 5.11
N TRP B 328 3.42 -1.33 5.27
CA TRP B 328 2.04 -1.71 5.42
C TRP B 328 1.06 -2.32 4.46
N PHE B 329 1.56 -3.07 3.51
CA PHE B 329 0.75 -3.78 2.56
C PHE B 329 -0.37 -4.67 3.00
N LEU B 330 -1.59 -4.37 2.59
CA LEU B 330 -2.74 -5.22 2.83
C LEU B 330 -3.08 -6.03 1.61
N PRO B 331 -3.08 -7.35 1.72
CA PRO B 331 -3.57 -8.18 0.62
C PRO B 331 -5.04 -8.53 0.83
N TYR B 332 -5.72 -8.90 -0.25
CA TYR B 332 -7.12 -9.29 -0.17
C TYR B 332 -7.33 -10.61 -0.90
N LEU B 333 -8.38 -11.33 -0.51
CA LEU B 333 -8.68 -12.62 -1.11
C LEU B 333 -10.17 -12.94 -0.99
N GLN B 344 -11.05 -15.70 -5.25
CA GLN B 344 -11.27 -15.19 -6.58
C GLN B 344 -10.22 -15.66 -7.51
N ALA B 345 -9.02 -15.09 -7.43
CA ALA B 345 -8.56 -14.10 -6.49
C ALA B 345 -7.59 -13.16 -7.17
N LYS B 346 -7.41 -12.00 -6.56
CA LYS B 346 -7.84 -10.75 -7.16
C LYS B 346 -6.93 -9.67 -6.64
N GLY B 347 -7.08 -9.40 -5.35
CA GLY B 347 -6.14 -8.58 -4.63
C GLY B 347 -6.81 -7.28 -4.24
N VAL B 348 -8.03 -7.40 -3.60
CA VAL B 348 -8.16 -6.52 -2.44
C VAL B 348 -6.79 -6.24 -1.81
N PHE B 349 -6.34 -5.05 -1.88
CA PHE B 349 -4.97 -4.68 -2.21
C PHE B 349 -4.76 -3.25 -1.78
N PHE B 350 -4.98 -3.15 -0.49
CA PHE B 350 -5.18 -1.97 0.25
C PHE B 350 -4.37 -0.79 0.24
N GLY B 351 -3.47 -0.72 -0.72
CA GLY B 351 -2.66 0.46 -0.93
C GLY B 351 -1.55 0.43 0.05
N LEU B 352 -1.41 1.42 0.92
CA LEU B 352 -0.38 1.33 1.88
C LEU B 352 -0.17 2.42 2.95
N THR B 353 0.74 3.36 2.70
CA THR B 353 1.06 4.57 3.47
C THR B 353 2.06 5.69 3.26
N HIS B 354 2.99 5.48 2.38
CA HIS B 354 4.44 5.65 2.24
C HIS B 354 4.96 6.97 1.68
N GLN B 355 6.27 7.14 1.74
CA GLN B 355 7.02 7.88 0.71
C GLN B 355 8.44 7.43 0.48
N HIS B 356 8.65 6.13 0.29
CA HIS B 356 9.97 5.62 -0.05
C HIS B 356 9.80 4.28 -0.74
N GLY B 357 10.91 3.64 -1.07
CA GLY B 357 11.61 3.10 -2.20
C GLY B 357 11.04 1.77 -2.61
N PRO B 358 11.68 1.11 -3.56
CA PRO B 358 11.16 -0.10 -4.16
C PRO B 358 11.50 -1.36 -3.38
N ASN B 359 12.76 -1.51 -2.99
CA ASN B 359 13.11 -2.52 -2.02
C ASN B 359 12.53 -2.27 -0.64
N GLU B 360 11.92 -1.11 -0.43
CA GLU B 360 11.29 -0.78 0.86
C GLU B 360 9.86 -1.28 0.76
N LEU B 361 9.33 -1.24 -0.46
CA LEU B 361 7.99 -1.68 -0.75
C LEU B 361 8.01 -3.20 -0.86
N ALA B 362 9.15 -3.72 -1.33
CA ALA B 362 9.34 -5.16 -1.47
C ALA B 362 9.28 -5.78 -0.08
N ARG B 363 9.74 -5.02 0.91
CA ARG B 363 9.73 -5.46 2.30
C ARG B 363 8.30 -5.42 2.83
N ALA B 364 7.54 -4.42 2.39
CA ALA B 364 6.16 -4.26 2.83
C ALA B 364 5.29 -5.38 2.29
N VAL B 365 5.46 -5.69 1.01
CA VAL B 365 4.66 -6.74 0.42
C VAL B 365 4.91 -8.06 1.13
N LEU B 366 6.18 -8.44 1.27
CA LEU B 366 6.53 -9.70 1.93
C LEU B 366 6.02 -9.81 3.35
N GLU B 367 5.87 -8.68 4.02
CA GLU B 367 5.39 -8.73 5.40
C GLU B 367 3.88 -8.72 5.44
N GLY B 368 3.27 -8.13 4.41
CA GLY B 368 1.82 -8.10 4.35
C GLY B 368 1.34 -9.54 4.24
N VAL B 369 1.94 -10.29 3.31
CA VAL B 369 1.58 -11.69 3.11
C VAL B 369 1.81 -12.43 4.44
N GLY B 370 3.00 -12.22 5.02
CA GLY B 370 3.33 -12.85 6.28
C GLY B 370 2.33 -12.64 7.39
N TYR B 371 1.76 -11.44 7.50
CA TYR B 371 0.77 -11.20 8.56
C TYR B 371 -0.53 -11.92 8.24
N ALA B 372 -0.88 -11.94 6.96
CA ALA B 372 -2.11 -12.58 6.49
C ALA B 372 -2.04 -14.07 6.76
N LEU B 373 -0.85 -14.64 6.59
CA LEU B 373 -0.65 -16.06 6.84
C LEU B 373 -0.73 -16.34 8.35
N ALA B 374 -0.01 -15.54 9.13
CA ALA B 374 0.01 -15.71 10.58
C ALA B 374 -1.40 -15.74 11.16
N ASP B 375 -2.23 -14.81 10.72
CA ASP B 375 -3.61 -14.77 11.22
C ASP B 375 -4.40 -15.97 10.74
N GLY B 376 -4.06 -16.46 9.55
CA GLY B 376 -4.74 -17.63 9.02
C GLY B 376 -4.51 -18.84 9.90
N MET B 377 -3.25 -19.04 10.30
CA MET B 377 -2.88 -20.16 11.15
C MET B 377 -3.39 -19.98 12.57
N ASP B 378 -3.53 -18.73 12.99
CA ASP B 378 -4.03 -18.45 14.34
C ASP B 378 -5.52 -18.74 14.43
N VAL B 379 -6.23 -18.51 13.33
CA VAL B 379 -7.66 -18.78 13.32
C VAL B 379 -7.82 -20.30 13.47
N VAL B 380 -6.93 -21.06 12.85
CA VAL B 380 -6.97 -22.51 12.95
C VAL B 380 -6.65 -22.91 14.39
N HIS B 381 -5.47 -22.52 14.86
CA HIS B 381 -5.03 -22.82 16.23
C HIS B 381 -6.07 -22.53 17.32
N ALA B 382 -6.80 -21.43 17.18
CA ALA B 382 -7.81 -21.05 18.18
C ALA B 382 -9.04 -21.96 18.15
N CYS B 383 -8.91 -23.10 17.47
CA CYS B 383 -10.02 -24.04 17.40
C CYS B 383 -9.75 -25.16 18.39
N GLY B 384 -8.47 -25.32 18.74
CA GLY B 384 -8.06 -26.33 19.68
C GLY B 384 -6.80 -27.06 19.22
N ILE B 385 -6.02 -26.40 18.37
CA ILE B 385 -4.77 -26.97 17.86
C ILE B 385 -3.60 -26.09 18.22
N LYS B 386 -2.51 -26.73 18.67
CA LYS B 386 -1.33 -26.01 19.08
C LYS B 386 -0.11 -26.86 18.76
N PRO B 387 0.44 -26.69 17.55
CA PRO B 387 1.62 -27.44 17.09
C PRO B 387 2.88 -26.98 17.77
N GLN B 388 3.83 -27.88 17.90
CA GLN B 388 5.11 -27.57 18.52
C GLN B 388 5.98 -27.01 17.39
N SER B 389 5.62 -27.39 16.17
CA SER B 389 6.32 -26.97 14.97
C SER B 389 5.36 -27.07 13.77
N VAL B 390 5.75 -26.45 12.66
CA VAL B 390 4.92 -26.45 11.46
C VAL B 390 5.75 -26.78 10.23
N THR B 391 5.60 -28.00 9.70
CA THR B 391 6.34 -28.35 8.51
C THR B 391 5.95 -27.33 7.46
N LEU B 392 6.93 -26.88 6.69
CA LEU B 392 6.68 -25.90 5.65
C LEU B 392 7.20 -26.51 4.35
N ILE B 393 6.33 -26.59 3.34
CA ILE B 393 6.76 -27.16 2.06
C ILE B 393 6.20 -26.37 0.89
N GLY B 394 6.75 -26.63 -0.29
CA GLY B 394 6.27 -25.94 -1.48
C GLY B 394 7.23 -25.00 -2.19
N GLY B 395 6.83 -24.62 -3.41
CA GLY B 395 7.64 -23.72 -4.21
C GLY B 395 7.78 -22.34 -3.62
N GLY B 396 6.67 -21.76 -3.18
CA GLY B 396 6.73 -20.43 -2.60
C GLY B 396 7.48 -20.38 -1.28
N ALA B 397 8.19 -21.46 -0.94
CA ALA B 397 8.93 -21.52 0.32
C ALA B 397 10.44 -21.76 0.19
N ARG B 398 11.03 -21.40 -0.93
CA ARG B 398 12.46 -21.62 -1.11
C ARG B 398 13.39 -20.51 -0.58
N SER B 399 12.83 -19.35 -0.24
CA SER B 399 13.65 -18.26 0.30
C SER B 399 13.86 -18.45 1.80
N GLU B 400 15.11 -18.65 2.20
CA GLU B 400 15.40 -18.83 3.61
C GLU B 400 14.98 -17.56 4.35
N TYR B 401 15.15 -16.42 3.68
CA TYR B 401 14.80 -15.11 4.22
C TYR B 401 13.31 -15.00 4.49
N TRP B 402 12.49 -15.35 3.51
CA TRP B 402 11.05 -15.25 3.72
C TRP B 402 10.60 -16.29 4.74
N ARG B 403 11.25 -17.44 4.71
CA ARG B 403 10.92 -18.49 5.66
C ARG B 403 11.16 -17.98 7.06
N GLN B 404 12.34 -17.39 7.28
CA GLN B 404 12.69 -16.87 8.60
C GLN B 404 11.80 -15.71 9.03
N MET B 405 11.24 -15.00 8.06
CA MET B 405 10.36 -13.88 8.37
C MET B 405 9.04 -14.41 8.92
N LEU B 406 8.50 -15.43 8.25
CA LEU B 406 7.25 -16.07 8.66
C LEU B 406 7.38 -16.64 10.07
N ALA B 407 8.59 -17.05 10.42
CA ALA B 407 8.84 -17.59 11.74
C ALA B 407 8.74 -16.46 12.78
N ASP B 408 9.42 -15.35 12.50
CA ASP B 408 9.43 -14.20 13.41
C ASP B 408 8.07 -13.50 13.49
N ILE B 409 7.30 -13.58 12.42
CA ILE B 409 6.00 -12.95 12.39
C ILE B 409 4.92 -13.72 13.16
N SER B 410 4.86 -15.02 12.88
CA SER B 410 3.87 -15.91 13.49
C SER B 410 4.27 -16.44 14.85
N GLY B 411 5.57 -16.56 15.08
CA GLY B 411 6.03 -17.09 16.35
C GLY B 411 5.85 -18.59 16.37
N GLN B 412 5.97 -19.19 15.19
CA GLN B 412 5.84 -20.64 15.03
C GLN B 412 7.18 -21.16 14.55
N GLN B 413 7.56 -22.35 15.02
CA GLN B 413 8.81 -22.94 14.57
C GLN B 413 8.48 -23.52 13.20
N LEU B 414 9.20 -23.08 12.18
CA LEU B 414 8.92 -23.56 10.84
C LEU B 414 9.99 -24.48 10.31
N ASP B 415 9.71 -25.77 10.29
CA ASP B 415 10.65 -26.75 9.77
C ASP B 415 10.46 -26.87 8.26
N TYR B 416 11.45 -26.45 7.50
CA TYR B 416 11.37 -26.53 6.06
C TYR B 416 11.73 -27.95 5.66
N ARG B 417 11.02 -28.49 4.67
CA ARG B 417 11.28 -29.85 4.20
C ARG B 417 11.20 -29.90 2.67
N THR B 418 12.05 -30.71 2.06
CA THR B 418 12.08 -30.87 0.61
C THR B 418 11.08 -31.95 0.22
N GLY B 419 10.95 -32.22 -1.07
CA GLY B 419 10.01 -33.24 -1.52
C GLY B 419 8.56 -32.78 -1.52
N GLY B 420 7.65 -33.74 -1.38
CA GLY B 420 6.23 -33.43 -1.37
C GLY B 420 5.67 -33.10 -2.75
N ASP B 421 6.26 -33.70 -3.78
CA ASP B 421 5.86 -33.46 -5.15
C ASP B 421 5.04 -34.59 -5.77
N VAL B 422 5.06 -35.77 -5.15
CA VAL B 422 4.30 -36.92 -5.68
C VAL B 422 2.81 -36.64 -5.65
N GLY B 423 2.29 -36.24 -4.50
CA GLY B 423 0.87 -35.94 -4.38
C GLY B 423 0.07 -36.97 -3.59
N PRO B 424 -1.27 -36.90 -3.64
CA PRO B 424 -2.13 -37.84 -2.91
C PRO B 424 -1.79 -39.29 -3.23
N ALA B 425 -1.44 -39.55 -4.49
CA ALA B 425 -1.09 -40.90 -4.92
C ALA B 425 -0.14 -41.58 -3.95
N LEU B 426 0.84 -40.83 -3.45
CA LEU B 426 1.78 -41.42 -2.51
C LEU B 426 1.10 -41.81 -1.21
N GLY B 427 0.07 -41.06 -0.83
CA GLY B 427 -0.66 -41.35 0.39
C GLY B 427 -1.58 -42.54 0.22
N ALA B 428 -1.98 -42.80 -1.03
CA ALA B 428 -2.86 -43.92 -1.36
C ALA B 428 -2.07 -45.22 -1.31
N ALA B 429 -0.81 -45.16 -1.71
CA ALA B 429 0.04 -46.33 -1.70
C ALA B 429 0.50 -46.59 -0.26
N ARG B 430 0.63 -45.53 0.53
CA ARG B 430 1.07 -45.67 1.91
C ARG B 430 -0.05 -46.34 2.69
N LEU B 431 -1.27 -45.88 2.49
CA LEU B 431 -2.41 -46.48 3.16
C LEU B 431 -2.50 -47.96 2.80
N ALA B 432 -2.10 -48.30 1.58
CA ALA B 432 -2.09 -49.69 1.13
C ALA B 432 -1.00 -50.47 1.88
N GLN B 433 0.15 -49.84 2.09
CA GLN B 433 1.23 -50.49 2.83
C GLN B 433 0.73 -50.83 4.25
N ILE B 434 0.08 -49.87 4.91
CA ILE B 434 -0.46 -50.08 6.25
C ILE B 434 -1.38 -51.31 6.31
N ALA B 435 -2.33 -51.37 5.39
CA ALA B 435 -3.27 -52.49 5.35
C ALA B 435 -2.57 -53.82 5.04
N ALA B 436 -1.42 -53.76 4.38
CA ALA B 436 -0.70 -54.96 4.03
C ALA B 436 0.30 -55.40 5.10
N ASN B 437 0.60 -54.49 6.02
CA ASN B 437 1.55 -54.79 7.10
C ASN B 437 0.92 -54.50 8.45
N PRO B 438 -0.10 -55.29 8.82
CA PRO B 438 -0.82 -55.17 10.10
C PRO B 438 0.16 -55.22 11.25
N GLU B 439 1.34 -55.76 10.97
CA GLU B 439 2.40 -55.87 11.98
C GLU B 439 3.09 -54.55 12.26
N LYS B 440 3.88 -54.08 11.30
CA LYS B 440 4.59 -52.83 11.46
C LYS B 440 3.61 -51.81 12.05
N SER B 441 4.15 -50.80 12.73
CA SER B 441 3.33 -49.75 13.34
C SER B 441 3.29 -48.57 12.38
N LEU B 442 2.26 -47.74 12.49
CA LEU B 442 2.16 -46.58 11.63
C LEU B 442 3.48 -45.85 11.66
N ILE B 443 3.98 -45.64 12.87
CA ILE B 443 5.24 -44.95 13.10
C ILE B 443 6.33 -45.42 12.15
N GLU B 444 6.19 -46.65 11.65
CA GLU B 444 7.18 -47.23 10.76
C GLU B 444 6.86 -47.06 9.30
N LEU B 445 5.58 -46.94 8.96
CA LEU B 445 5.19 -46.82 7.58
C LEU B 445 4.89 -45.41 7.08
N LEU B 446 4.84 -44.45 7.98
CA LEU B 446 4.53 -43.09 7.59
C LEU B 446 5.60 -42.03 7.84
N PRO B 447 6.68 -42.04 7.05
CA PRO B 447 7.75 -41.07 7.20
C PRO B 447 7.38 -39.67 6.72
N GLN B 448 8.25 -38.70 6.98
CA GLN B 448 8.02 -37.33 6.55
C GLN B 448 9.06 -37.01 5.52
N LEU B 449 8.93 -35.83 4.92
CA LEU B 449 9.90 -35.37 3.95
C LEU B 449 11.18 -35.00 4.69
N PRO B 450 12.34 -35.22 4.04
CA PRO B 450 13.63 -34.91 4.66
C PRO B 450 13.80 -33.45 5.11
N LEU B 451 14.14 -33.27 6.39
CA LEU B 451 14.34 -31.92 6.95
C LEU B 451 15.35 -31.15 6.11
N GLU B 452 15.01 -29.91 5.78
CA GLU B 452 15.88 -29.06 4.97
C GLU B 452 16.42 -27.87 5.76
N GLN B 453 15.74 -27.51 6.84
CA GLN B 453 16.12 -26.40 7.68
C GLN B 453 15.02 -26.28 8.72
N SER B 454 15.33 -25.63 9.83
CA SER B 454 14.37 -25.45 10.91
C SER B 454 14.51 -23.96 11.30
N HIS B 455 13.39 -23.25 11.35
CA HIS B 455 13.40 -21.83 11.68
C HIS B 455 12.71 -21.55 13.00
N LEU B 456 13.45 -20.96 13.93
CA LEU B 456 12.89 -20.62 15.23
C LEU B 456 12.69 -19.12 15.24
N PRO B 457 11.57 -18.65 15.82
CA PRO B 457 11.27 -17.21 15.89
C PRO B 457 12.28 -16.39 16.70
N ASP B 458 12.79 -15.34 16.07
CA ASP B 458 13.76 -14.46 16.73
C ASP B 458 12.94 -13.65 17.73
N ALA B 459 13.18 -13.87 19.01
CA ALA B 459 12.45 -13.17 20.07
C ALA B 459 12.44 -11.66 19.86
N GLN B 460 13.57 -11.12 19.41
CA GLN B 460 13.70 -9.69 19.16
C GLN B 460 12.68 -9.25 18.11
N ARG B 461 12.82 -9.74 16.89
CA ARG B 461 11.89 -9.38 15.85
C ARG B 461 10.46 -9.84 16.17
N TYR B 462 10.33 -10.99 16.84
CA TYR B 462 9.01 -11.52 17.20
C TYR B 462 8.22 -10.58 18.09
N ALA B 463 8.87 -10.07 19.14
CA ALA B 463 8.20 -9.17 20.07
C ALA B 463 7.86 -7.83 19.42
N ALA B 464 8.68 -7.42 18.46
CA ALA B 464 8.48 -6.16 17.77
C ALA B 464 7.35 -6.28 16.75
N TYR B 465 7.17 -7.49 16.23
CA TYR B 465 6.16 -7.77 15.23
C TYR B 465 4.74 -7.86 15.76
N GLN B 466 4.54 -8.53 16.89
CA GLN B 466 3.20 -8.68 17.43
C GLN B 466 2.43 -7.36 17.45
N PRO B 467 3.12 -6.24 17.72
CA PRO B 467 2.39 -4.96 17.73
C PRO B 467 2.25 -4.52 16.26
N ARG B 468 3.24 -4.89 15.45
CA ARG B 468 3.20 -4.56 14.03
C ARG B 468 1.96 -5.21 13.45
N ARG B 469 1.67 -6.44 13.86
CA ARG B 469 0.50 -7.14 13.35
C ARG B 469 -0.77 -6.46 13.85
N GLU B 470 -0.61 -5.29 14.46
CA GLU B 470 -1.75 -4.52 14.94
C GLU B 470 -2.18 -3.60 13.82
N THR B 471 -1.86 -4.04 12.62
CA THR B 471 -2.22 -3.36 11.39
C THR B 471 -3.33 -4.27 10.88
N PHE B 472 -2.98 -5.55 10.76
CA PHE B 472 -3.96 -6.54 10.36
C PHE B 472 -4.78 -6.73 11.60
N ARG B 473 -4.99 -5.58 12.22
CA ARG B 473 -5.77 -5.40 13.42
C ARG B 473 -6.77 -4.38 12.89
N ARG B 474 -6.75 -3.19 13.47
CA ARG B 474 -7.66 -2.13 13.07
C ARG B 474 -7.46 -1.68 11.61
N LEU B 475 -6.29 -1.97 11.05
CA LEU B 475 -5.99 -1.51 9.71
C LEU B 475 -6.74 -2.26 8.62
N TYR B 476 -6.73 -3.58 8.70
CA TYR B 476 -7.36 -4.40 7.69
C TYR B 476 -8.85 -4.36 7.86
N GLN B 477 -9.27 -3.90 9.03
CA GLN B 477 -10.68 -3.96 9.39
C GLN B 477 -11.39 -2.63 9.19
N GLN B 478 -10.69 -1.52 9.41
CA GLN B 478 -11.29 -0.24 9.15
C GLN B 478 -11.46 0.00 7.66
N LEU B 479 -10.87 -0.87 6.85
CA LEU B 479 -10.67 -0.54 5.46
C LEU B 479 -11.61 -1.17 4.44
N LEU B 480 -12.21 -2.31 4.74
CA LEU B 480 -13.26 -2.84 3.88
C LEU B 480 -14.59 -2.22 4.19
N PRO B 481 -15.40 -1.92 3.16
CA PRO B 481 -14.96 -1.42 1.85
C PRO B 481 -13.66 -1.89 1.22
N LEU B 482 -13.48 -3.20 1.08
CA LEU B 482 -12.62 -3.75 0.03
C LEU B 482 -11.42 -2.87 -0.25
#